data_5XU1
#
_entry.id   5XU1
#
_cell.length_a   141.053
_cell.length_b   154.987
_cell.length_c   205.892
_cell.angle_alpha   90.00
_cell.angle_beta   90.00
_cell.angle_gamma   90.00
#
_symmetry.space_group_name_H-M   'C 2 2 21'
#
loop_
_entity.id
_entity.type
_entity.pdbx_description
1 polymer 'ABC transporter ATP-binding protein'
2 polymer 'ABC transporter permeae'
3 non-polymer 'MAGNESIUM ION'
4 water water
#
loop_
_entity_poly.entity_id
_entity_poly.type
_entity_poly.pdbx_seq_one_letter_code
_entity_poly.pdbx_strand_id
1 'polypeptide(L)'
;MGGSHHHHHHGTMKQLISLKNIFRSYRNGDQELQVLKNINLEVNEGEFVAIMGPSGSGKSTLMNTIGMLDTPTSGEYYLE
GQEVAGLGEKQLAKVRNQQIGFVFQQFFLLSKLNALQNVELPLIYAGVSSSKRRKLAEEYLDKVELTERSHHLPSELSGG
QKQRVAIARALVNNPSIILADEPTGALDTKTGNQIMQLLVDLNKEGKTIIMVTHEPEIAAYAKRQIVIRDGVISSDSAQL
GKEEN
;
A,B
2 'polypeptide(L)'
;MQNLKFAFSSIMAHKMRSLLTMIGIIIGVSSVVVIMALGDSLSRQVNKDMTKSQKNISVFFSPKKSKDGSFTQKQSAFTV
SGKEEEVPVEPPKPQESWVQEAAKLKGVDSYYVTNSTNAILTYQDKKVENANLTGGNRTYMDAVKNEIIAGRSLREQDFK
EFASVILLDEELSISLFESPQEAINKVVEVNGFSYRVIGVYTSPEAKRSKIYGFGGLPITTNISLAANFNIDEIASIVFR
VNDTSLTPTLGPELARKMTELAGLQQGEYQVADESVVFAEIQQSFSFMTTIISSIAGISLFVGGTGVMNIMLVSVTERTR
EIGLRKALGATRANILIQFLIESMILTLLGGLIGLTIASGLTALAGLLLQGLIEGIEVGVSIPVALFSLAVSASVGMIFG
VLPANKASKLDPIEALRYE
;
M,S
#
loop_
_chem_comp.id
_chem_comp.type
_chem_comp.name
_chem_comp.formula
MG non-polymer 'MAGNESIUM ION' 'Mg 2'
#
# COMPACT_ATOMS: atom_id res chain seq x y z
N LYS A 14 -45.63 28.50 32.28
CA LYS A 14 -45.37 27.13 32.80
C LYS A 14 -43.91 26.90 33.17
N GLN A 15 -43.68 25.79 33.88
CA GLN A 15 -42.36 25.41 34.37
C GLN A 15 -41.64 24.54 33.32
N LEU A 16 -40.34 24.81 33.09
CA LEU A 16 -39.54 24.01 32.17
C LEU A 16 -38.41 23.28 32.90
N ILE A 17 -37.48 24.04 33.48
CA ILE A 17 -36.39 23.48 34.26
C ILE A 17 -36.80 23.39 35.72
N SER A 18 -36.48 22.27 36.36
CA SER A 18 -36.63 22.13 37.80
C SER A 18 -35.59 21.18 38.37
N LEU A 19 -34.43 21.75 38.68
CA LEU A 19 -33.36 21.03 39.37
C LEU A 19 -33.69 21.02 40.86
N LYS A 20 -33.55 19.86 41.51
CA LYS A 20 -33.72 19.78 42.96
C LYS A 20 -32.77 18.76 43.60
N ASN A 21 -31.91 19.28 44.48
CA ASN A 21 -30.90 18.50 45.22
C ASN A 21 -29.85 17.89 44.29
N ILE A 22 -29.46 18.63 43.25
CA ILE A 22 -28.51 18.14 42.24
C ILE A 22 -27.06 18.23 42.75
N PHE A 23 -26.47 17.06 42.96
CA PHE A 23 -25.05 16.92 43.31
C PHE A 23 -24.28 16.41 42.10
N ARG A 24 -23.07 16.93 41.91
CA ARG A 24 -22.12 16.41 40.93
C ARG A 24 -20.74 16.38 41.56
N SER A 25 -20.13 15.20 41.56
CA SER A 25 -18.80 14.97 42.12
C SER A 25 -18.00 14.01 41.25
N TYR A 26 -16.67 14.10 41.37
CA TYR A 26 -15.71 13.40 40.51
C TYR A 26 -14.70 12.65 41.37
N GLU A 32 -10.65 13.00 44.44
CA GLU A 32 -12.10 13.11 44.62
C GLU A 32 -12.54 14.58 44.78
N LEU A 33 -13.14 15.15 43.73
CA LEU A 33 -13.53 16.57 43.67
C LEU A 33 -15.05 16.71 43.57
N GLN A 34 -15.62 17.65 44.33
CA GLN A 34 -17.06 17.89 44.35
C GLN A 34 -17.39 19.21 43.67
N VAL A 35 -18.15 19.16 42.57
CA VAL A 35 -18.41 20.35 41.76
C VAL A 35 -19.74 21.00 42.07
N LEU A 36 -20.83 20.24 41.98
CA LEU A 36 -22.17 20.74 42.31
C LEU A 36 -22.65 20.15 43.64
N LYS A 37 -23.40 20.95 44.41
CA LYS A 37 -23.76 20.65 45.80
C LYS A 37 -25.14 21.22 46.17
N ASN A 38 -26.16 20.37 46.17
CA ASN A 38 -27.54 20.75 46.48
C ASN A 38 -27.95 21.96 45.62
N ILE A 39 -27.97 21.73 44.30
CA ILE A 39 -28.46 22.72 43.34
C ILE A 39 -29.98 22.63 43.31
N ASN A 40 -30.64 23.76 43.61
CA ASN A 40 -32.09 23.86 43.56
C ASN A 40 -32.46 25.09 42.78
N LEU A 41 -32.88 24.89 41.54
CA LEU A 41 -33.25 25.98 40.64
C LEU A 41 -34.49 25.61 39.84
N GLU A 42 -35.44 26.53 39.77
CA GLU A 42 -36.57 26.40 38.87
C GLU A 42 -36.51 27.51 37.84
N VAL A 43 -36.91 27.19 36.60
CA VAL A 43 -36.96 28.16 35.49
C VAL A 43 -38.22 27.95 34.67
N ASN A 44 -38.99 29.02 34.50
CA ASN A 44 -40.25 28.98 33.77
C ASN A 44 -40.08 29.44 32.32
N GLU A 45 -40.95 28.94 31.44
CA GLU A 45 -41.00 29.37 30.02
C GLU A 45 -40.97 30.90 29.87
N GLY A 46 -40.30 31.38 28.82
CA GLY A 46 -40.18 32.80 28.56
C GLY A 46 -39.09 33.54 29.35
N GLU A 47 -38.60 32.93 30.44
CA GLU A 47 -37.53 33.54 31.26
C GLU A 47 -36.24 33.79 30.46
N PHE A 48 -35.37 34.61 31.04
CA PHE A 48 -34.05 34.87 30.47
C PHE A 48 -33.11 34.96 31.67
N VAL A 49 -32.51 33.84 32.04
CA VAL A 49 -31.67 33.74 33.23
C VAL A 49 -30.20 33.90 32.86
N ALA A 50 -29.48 34.79 33.55
CA ALA A 50 -28.03 34.95 33.34
C ALA A 50 -27.28 34.40 34.56
N ILE A 51 -26.49 33.35 34.34
CA ILE A 51 -25.70 32.72 35.39
C ILE A 51 -24.26 33.25 35.34
N MET A 52 -23.81 33.83 36.46
CA MET A 52 -22.42 34.25 36.64
C MET A 52 -21.85 33.56 37.88
N GLY A 53 -20.53 33.63 38.02
CA GLY A 53 -19.86 33.05 39.19
C GLY A 53 -18.35 32.99 39.03
N PRO A 54 -17.62 32.74 40.14
CA PRO A 54 -16.16 32.55 40.05
C PRO A 54 -15.76 31.24 39.35
N SER A 55 -14.47 31.12 39.04
CA SER A 55 -13.96 29.97 38.26
C SER A 55 -14.05 28.67 39.04
N GLY A 56 -14.53 27.63 38.36
CA GLY A 56 -14.76 26.31 38.96
C GLY A 56 -15.80 26.31 40.05
N SER A 57 -16.88 27.07 39.84
CA SER A 57 -18.04 27.04 40.75
C SER A 57 -19.05 25.97 40.32
N GLY A 58 -18.77 25.24 39.24
CA GLY A 58 -19.75 24.37 38.58
C GLY A 58 -20.58 25.14 37.56
N LYS A 59 -20.05 26.27 37.11
CA LYS A 59 -20.70 27.14 36.16
C LYS A 59 -21.13 26.36 34.92
N SER A 60 -20.16 25.66 34.33
CA SER A 60 -20.40 24.86 33.11
C SER A 60 -21.00 23.47 33.39
N THR A 61 -20.68 22.86 34.54
CA THR A 61 -21.22 21.55 34.91
C THR A 61 -22.74 21.59 35.13
N LEU A 62 -23.22 22.72 35.63
CA LEU A 62 -24.66 22.99 35.71
C LEU A 62 -25.27 23.03 34.30
N MET A 63 -24.64 23.81 33.43
CA MET A 63 -25.12 23.98 32.05
C MET A 63 -25.18 22.67 31.28
N ASN A 64 -24.09 21.90 31.34
CA ASN A 64 -24.02 20.57 30.72
C ASN A 64 -24.95 19.57 31.39
N THR A 65 -25.29 19.79 32.66
CA THR A 65 -26.36 19.05 33.34
C THR A 65 -27.74 19.40 32.77
N ILE A 66 -28.00 20.70 32.59
CA ILE A 66 -29.27 21.16 31.98
C ILE A 66 -29.38 20.74 30.51
N GLY A 67 -28.25 20.67 29.81
CA GLY A 67 -28.22 20.22 28.42
C GLY A 67 -28.20 18.70 28.22
N MET A 68 -28.10 17.95 29.32
CA MET A 68 -28.06 16.49 29.30
C MET A 68 -26.80 15.91 28.65
N LEU A 69 -25.69 16.64 28.73
CA LEU A 69 -24.38 16.13 28.36
C LEU A 69 -23.61 15.58 29.57
N ASP A 70 -24.18 15.78 30.76
CA ASP A 70 -23.61 15.35 32.02
C ASP A 70 -24.79 14.87 32.87
N THR A 71 -24.67 13.71 33.50
CA THR A 71 -25.72 13.21 34.41
C THR A 71 -25.26 13.36 35.86
N PRO A 72 -26.15 13.87 36.74
CA PRO A 72 -25.69 14.20 38.09
C PRO A 72 -25.43 12.94 38.93
N THR A 73 -24.54 13.05 39.92
CA THR A 73 -24.27 11.93 40.83
C THR A 73 -25.47 11.61 41.71
N SER A 74 -26.26 12.62 42.06
CA SER A 74 -27.59 12.41 42.68
C SER A 74 -28.49 13.62 42.47
N GLY A 75 -29.75 13.49 42.85
CA GLY A 75 -30.74 14.57 42.70
C GLY A 75 -31.52 14.42 41.42
N GLU A 76 -32.37 15.40 41.14
CA GLU A 76 -33.37 15.27 40.08
C GLU A 76 -33.43 16.49 39.17
N TYR A 77 -33.75 16.27 37.89
CA TYR A 77 -33.89 17.32 36.88
C TYR A 77 -35.12 17.02 36.02
N TYR A 78 -36.13 17.88 36.11
CA TYR A 78 -37.35 17.75 35.32
C TYR A 78 -37.28 18.75 34.18
N LEU A 79 -37.26 18.24 32.95
CA LEU A 79 -37.27 19.08 31.75
C LEU A 79 -38.67 19.05 31.10
N GLU A 80 -39.30 20.22 31.03
CA GLU A 80 -40.74 20.38 30.68
C GLU A 80 -41.65 19.37 31.42
N GLY A 81 -41.32 19.09 32.69
CA GLY A 81 -42.02 18.09 33.48
C GLY A 81 -41.50 16.66 33.37
N GLN A 82 -40.79 16.32 32.29
CA GLN A 82 -40.18 14.98 32.14
C GLN A 82 -38.94 14.82 33.01
N GLU A 83 -38.85 13.69 33.73
CA GLU A 83 -37.67 13.35 34.51
C GLU A 83 -36.59 12.80 33.57
N VAL A 84 -35.44 13.47 33.54
CA VAL A 84 -34.36 13.17 32.59
C VAL A 84 -33.05 12.70 33.19
N ALA A 85 -32.79 13.02 34.46
CA ALA A 85 -31.57 12.53 35.12
C ALA A 85 -31.63 11.01 35.26
N GLY A 86 -30.56 10.34 34.83
CA GLY A 86 -30.51 8.88 34.81
C GLY A 86 -31.37 8.21 33.75
N LEU A 87 -31.56 8.85 32.60
CA LEU A 87 -32.14 8.19 31.41
C LEU A 87 -31.01 7.55 30.60
N GLY A 88 -31.39 6.66 29.68
CA GLY A 88 -30.43 6.00 28.80
C GLY A 88 -29.83 6.93 27.75
N GLU A 89 -28.71 6.50 27.16
CA GLU A 89 -27.96 7.34 26.19
C GLU A 89 -28.75 7.58 24.91
N LYS A 90 -29.45 6.55 24.44
CA LYS A 90 -30.28 6.68 23.24
C LYS A 90 -31.47 7.61 23.51
N GLN A 91 -32.07 7.48 24.70
CA GLN A 91 -33.23 8.31 25.08
C GLN A 91 -32.84 9.76 25.29
N LEU A 92 -31.73 9.96 25.98
CA LEU A 92 -31.30 11.29 26.39
C LEU A 92 -30.79 12.14 25.22
N ALA A 93 -30.41 11.49 24.11
CA ALA A 93 -30.08 12.19 22.86
C ALA A 93 -31.33 12.75 22.16
N LYS A 94 -32.39 11.97 22.09
CA LYS A 94 -33.65 12.45 21.52
C LYS A 94 -34.21 13.62 22.33
N VAL A 95 -34.17 13.52 23.66
CA VAL A 95 -34.70 14.57 24.54
C VAL A 95 -33.94 15.86 24.31
N ARG A 96 -32.61 15.75 24.37
CA ARG A 96 -31.68 16.81 24.00
C ARG A 96 -32.06 17.46 22.67
N ASN A 97 -32.24 16.62 21.64
CA ASN A 97 -32.56 17.08 20.29
C ASN A 97 -33.84 17.91 20.24
N GLN A 98 -34.93 17.35 20.77
CA GLN A 98 -36.24 18.01 20.78
C GLN A 98 -36.26 19.29 21.64
N GLN A 99 -35.56 19.28 22.77
CA GLN A 99 -35.72 20.28 23.82
C GLN A 99 -34.63 21.34 24.00
N ILE A 100 -33.40 21.04 23.58
CA ILE A 100 -32.26 21.93 23.86
C ILE A 100 -31.72 22.52 22.58
N GLY A 101 -31.28 23.77 22.67
CA GLY A 101 -30.66 24.46 21.55
C GLY A 101 -29.38 25.08 22.04
N PHE A 102 -28.27 24.35 21.91
CA PHE A 102 -26.98 24.82 22.40
C PHE A 102 -26.46 25.96 21.54
N VAL A 103 -26.02 27.03 22.19
CA VAL A 103 -25.26 28.09 21.54
C VAL A 103 -23.91 28.18 22.24
N PHE A 104 -22.87 28.37 21.44
CA PHE A 104 -21.49 28.26 21.87
C PHE A 104 -20.78 29.58 21.58
N GLN A 105 -19.78 29.90 22.41
CA GLN A 105 -18.95 31.12 22.23
C GLN A 105 -18.29 31.13 20.87
N GLN A 106 -17.67 29.99 20.55
CA GLN A 106 -16.84 29.78 19.37
C GLN A 106 -17.62 29.37 18.09
N PHE A 107 -18.94 29.21 18.22
CA PHE A 107 -19.91 29.00 17.12
C PHE A 107 -20.11 27.54 16.76
N PHE A 108 -19.00 26.83 16.55
CA PHE A 108 -19.00 25.38 16.31
C PHE A 108 -19.84 24.99 15.09
N LEU A 109 -19.58 25.68 13.99
CA LEU A 109 -20.19 25.35 12.69
C LEU A 109 -19.26 24.39 11.95
N LEU A 110 -19.84 23.42 11.24
CA LEU A 110 -19.05 22.48 10.45
C LEU A 110 -18.60 23.20 9.20
N SER A 111 -17.30 23.04 8.93
CA SER A 111 -16.57 23.89 8.01
C SER A 111 -16.95 23.65 6.56
N LYS A 112 -17.31 22.40 6.23
CA LYS A 112 -17.60 21.98 4.87
C LYS A 112 -19.09 22.05 4.52
N LEU A 113 -19.93 22.34 5.50
CA LEU A 113 -21.36 22.58 5.26
C LEU A 113 -21.62 24.07 5.20
N ASN A 114 -22.45 24.49 4.25
CA ASN A 114 -22.88 25.90 4.15
C ASN A 114 -23.90 26.28 5.25
N ALA A 115 -24.28 27.55 5.31
CA ALA A 115 -25.17 28.05 6.36
C ALA A 115 -26.44 27.22 6.46
N LEU A 116 -27.13 27.04 5.34
CA LEU A 116 -28.40 26.29 5.29
C LEU A 116 -28.25 24.88 5.81
N GLN A 117 -27.19 24.20 5.38
CA GLN A 117 -26.92 22.82 5.76
C GLN A 117 -26.56 22.66 7.23
N ASN A 118 -25.75 23.59 7.73
CA ASN A 118 -25.41 23.66 9.16
C ASN A 118 -26.65 23.74 10.04
N VAL A 119 -27.60 24.57 9.59
CA VAL A 119 -28.87 24.76 10.26
C VAL A 119 -29.76 23.52 10.11
N GLU A 120 -29.69 22.86 8.96
CA GLU A 120 -30.46 21.64 8.70
C GLU A 120 -30.03 20.44 9.55
N LEU A 121 -28.82 20.46 10.11
CA LEU A 121 -28.25 19.26 10.76
C LEU A 121 -29.02 18.72 11.98
N PRO A 122 -29.37 19.58 12.96
CA PRO A 122 -30.23 19.07 14.05
C PRO A 122 -31.55 18.42 13.56
N LEU A 123 -32.11 18.93 12.45
CA LEU A 123 -33.31 18.36 11.86
C LEU A 123 -33.08 17.00 11.20
N ILE A 124 -31.86 16.72 10.75
CA ILE A 124 -31.51 15.38 10.28
C ILE A 124 -31.57 14.35 11.40
N TYR A 125 -31.16 14.75 12.62
CA TYR A 125 -31.15 13.85 13.81
C TYR A 125 -32.53 13.71 14.47
N ALA A 126 -33.42 14.67 14.22
CA ALA A 126 -34.85 14.40 14.24
C ALA A 126 -35.15 13.67 12.93
N GLY A 127 -36.33 13.10 12.77
CA GLY A 127 -36.59 12.32 11.55
C GLY A 127 -37.28 13.05 10.41
N VAL A 128 -36.86 14.28 10.09
CA VAL A 128 -37.70 15.14 9.23
C VAL A 128 -37.33 15.06 7.73
N SER A 129 -38.36 15.25 6.88
CA SER A 129 -38.26 15.15 5.41
C SER A 129 -37.13 16.02 4.87
N SER A 130 -36.39 15.49 3.90
CA SER A 130 -35.25 16.21 3.31
C SER A 130 -35.70 17.51 2.66
N SER A 131 -36.85 17.47 2.01
CA SER A 131 -37.50 18.64 1.45
C SER A 131 -37.96 19.65 2.50
N LYS A 132 -38.52 19.17 3.61
CA LYS A 132 -39.01 20.04 4.70
C LYS A 132 -37.89 20.75 5.48
N ARG A 133 -36.74 20.09 5.61
CA ARG A 133 -35.57 20.67 6.26
C ARG A 133 -35.22 22.00 5.61
N ARG A 134 -35.14 21.99 4.28
CA ARG A 134 -34.87 23.18 3.48
C ARG A 134 -35.82 24.34 3.81
N LYS A 135 -37.11 24.03 3.99
CA LYS A 135 -38.09 25.06 4.34
C LYS A 135 -37.82 25.63 5.73
N LEU A 136 -37.68 24.77 6.72
CA LEU A 136 -37.41 25.19 8.12
C LEU A 136 -36.08 25.93 8.32
N ALA A 137 -35.04 25.51 7.62
CA ALA A 137 -33.74 26.16 7.71
C ALA A 137 -33.80 27.59 7.20
N GLU A 138 -34.47 27.80 6.06
CA GLU A 138 -34.63 29.12 5.47
C GLU A 138 -35.49 30.05 6.31
N GLU A 139 -36.52 29.50 6.97
CA GLU A 139 -37.37 30.27 7.90
C GLU A 139 -36.57 30.79 9.10
N TYR A 140 -35.62 29.98 9.57
CA TYR A 140 -34.81 30.33 10.74
C TYR A 140 -33.54 31.15 10.46
N LEU A 141 -33.04 31.09 9.22
CA LEU A 141 -32.05 32.06 8.75
C LEU A 141 -32.72 33.44 8.57
N ASP A 142 -34.01 33.43 8.25
CA ASP A 142 -34.82 34.66 8.22
C ASP A 142 -35.08 35.24 9.60
N LYS A 143 -35.41 34.37 10.56
CA LYS A 143 -35.65 34.82 11.93
C LYS A 143 -34.44 35.57 12.52
N VAL A 144 -33.24 35.18 12.12
CA VAL A 144 -31.99 35.78 12.62
C VAL A 144 -31.38 36.83 11.69
N GLU A 145 -32.17 37.38 10.76
CA GLU A 145 -31.70 38.45 9.85
C GLU A 145 -30.36 38.12 9.18
N LEU A 146 -30.39 37.09 8.34
CA LEU A 146 -29.25 36.63 7.57
C LEU A 146 -29.76 36.47 6.14
N THR A 147 -29.45 37.44 5.28
CA THR A 147 -30.04 37.48 3.94
C THR A 147 -28.99 37.17 2.86
N GLU A 148 -29.35 36.30 1.92
CA GLU A 148 -28.52 35.96 0.76
C GLU A 148 -27.16 35.32 1.10
N ARG A 149 -27.03 34.73 2.28
CA ARG A 149 -25.86 33.91 2.63
C ARG A 149 -26.32 32.47 2.97
N SER A 150 -27.38 32.01 2.29
CA SER A 150 -27.96 30.67 2.43
C SER A 150 -26.91 29.61 2.14
N HIS A 151 -26.15 29.83 1.06
CA HIS A 151 -25.14 28.89 0.56
C HIS A 151 -23.68 29.28 0.80
N HIS A 152 -23.46 30.26 1.67
CA HIS A 152 -22.08 30.60 2.07
C HIS A 152 -21.57 29.54 3.06
N LEU A 153 -20.31 29.17 2.91
CA LEU A 153 -19.60 28.39 3.95
C LEU A 153 -19.22 29.34 5.10
N PRO A 154 -18.91 28.80 6.30
CA PRO A 154 -18.39 29.67 7.36
C PRO A 154 -17.10 30.41 6.97
N SER A 155 -16.29 29.80 6.10
CA SER A 155 -15.14 30.47 5.46
C SER A 155 -15.49 31.86 5.00
N GLU A 156 -16.68 32.00 4.41
CA GLU A 156 -17.13 33.22 3.75
C GLU A 156 -17.96 34.17 4.64
N LEU A 157 -18.19 33.83 5.91
CA LEU A 157 -19.05 34.62 6.82
C LEU A 157 -18.23 35.35 7.87
N SER A 158 -18.72 36.50 8.32
CA SER A 158 -18.18 37.21 9.50
C SER A 158 -18.59 36.51 10.80
N GLY A 159 -17.99 36.92 11.90
CA GLY A 159 -18.26 36.29 13.19
C GLY A 159 -19.69 36.44 13.64
N GLY A 160 -20.24 37.65 13.40
CA GLY A 160 -21.66 37.93 13.65
C GLY A 160 -22.52 37.02 12.81
N GLN A 161 -22.21 36.96 11.51
CA GLN A 161 -22.89 36.05 10.59
C GLN A 161 -22.81 34.59 11.04
N LYS A 162 -21.62 34.17 11.48
CA LYS A 162 -21.42 32.80 11.97
C LYS A 162 -22.31 32.49 13.17
N GLN A 163 -22.27 33.34 14.20
CA GLN A 163 -23.10 33.11 15.39
C GLN A 163 -24.59 33.22 15.07
N ARG A 164 -24.93 34.11 14.15
CA ARG A 164 -26.29 34.17 13.58
C ARG A 164 -26.71 32.83 12.98
N VAL A 165 -25.83 32.23 12.19
CA VAL A 165 -26.07 30.88 11.63
C VAL A 165 -26.21 29.87 12.79
N ALA A 166 -25.28 29.91 13.74
CA ALA A 166 -25.28 28.98 14.89
C ALA A 166 -26.52 29.13 15.77
N ILE A 167 -27.02 30.35 15.89
CA ILE A 167 -28.25 30.63 16.65
C ILE A 167 -29.47 30.14 15.91
N ALA A 168 -29.49 30.27 14.59
CA ALA A 168 -30.55 29.65 13.78
C ALA A 168 -30.60 28.10 13.96
N ARG A 169 -29.43 27.47 14.04
CA ARG A 169 -29.34 26.02 14.29
C ARG A 169 -29.94 25.62 15.65
N ALA A 170 -29.78 26.48 16.66
CA ALA A 170 -30.38 26.26 17.99
C ALA A 170 -31.90 26.39 17.99
N LEU A 171 -32.43 27.25 17.14
CA LEU A 171 -33.86 27.51 17.09
C LEU A 171 -34.66 26.53 16.22
N VAL A 172 -34.03 25.91 15.21
CA VAL A 172 -34.79 25.14 14.19
C VAL A 172 -35.68 24.02 14.68
N ASN A 173 -35.31 23.39 15.80
CA ASN A 173 -36.08 22.27 16.35
C ASN A 173 -37.11 22.70 17.43
N ASN A 174 -37.42 24.00 17.50
CA ASN A 174 -38.34 24.54 18.50
C ASN A 174 -38.03 23.99 19.89
N PRO A 175 -36.84 24.31 20.41
CA PRO A 175 -36.47 23.82 21.73
C PRO A 175 -37.18 24.59 22.85
N SER A 176 -37.30 23.95 24.00
CA SER A 176 -37.78 24.61 25.21
C SER A 176 -36.73 25.57 25.76
N ILE A 177 -35.46 25.23 25.57
CA ILE A 177 -34.34 25.96 26.17
C ILE A 177 -33.25 26.28 25.17
N ILE A 178 -32.79 27.52 25.19
CA ILE A 178 -31.57 27.93 24.53
C ILE A 178 -30.46 28.05 25.58
N LEU A 179 -29.53 27.09 25.57
CA LEU A 179 -28.32 27.15 26.41
C LEU A 179 -27.20 27.92 25.69
N ALA A 180 -26.77 29.03 26.28
CA ALA A 180 -25.84 29.95 25.63
C ALA A 180 -24.61 30.14 26.51
N ASP A 181 -23.43 29.93 25.95
CA ASP A 181 -22.20 29.96 26.73
C ASP A 181 -21.30 31.07 26.19
N GLU A 182 -21.42 32.24 26.82
CA GLU A 182 -20.64 33.42 26.42
C GLU A 182 -20.78 33.72 24.92
N PRO A 183 -22.01 34.01 24.46
CA PRO A 183 -22.26 34.10 23.01
C PRO A 183 -21.43 35.15 22.26
N THR A 184 -21.08 36.24 22.93
CA THR A 184 -20.36 37.36 22.30
C THR A 184 -18.87 37.41 22.66
N GLY A 185 -18.28 36.28 23.00
CA GLY A 185 -16.88 36.22 23.43
C GLY A 185 -15.91 36.32 22.28
N ALA A 186 -16.22 35.63 21.20
CA ALA A 186 -15.47 35.72 19.95
C ALA A 186 -15.80 36.99 19.15
N LEU A 187 -16.93 37.62 19.46
CA LEU A 187 -17.35 38.87 18.81
C LEU A 187 -16.77 40.11 19.51
N ASP A 188 -16.53 41.15 18.72
CA ASP A 188 -16.23 42.51 19.22
C ASP A 188 -17.44 43.15 19.93
N THR A 189 -17.21 44.23 20.70
CA THR A 189 -18.25 44.83 21.55
C THR A 189 -19.46 45.36 20.77
N LYS A 190 -19.21 45.92 19.59
CA LYS A 190 -20.27 46.39 18.70
C LYS A 190 -21.19 45.24 18.27
N THR A 191 -20.58 44.21 17.69
CA THR A 191 -21.30 43.08 17.12
C THR A 191 -21.93 42.18 18.19
N GLY A 192 -21.34 42.15 19.37
CA GLY A 192 -21.93 41.47 20.51
C GLY A 192 -23.28 42.07 20.87
N ASN A 193 -23.31 43.39 21.06
CA ASN A 193 -24.55 44.13 21.33
C ASN A 193 -25.64 43.82 20.31
N GLN A 194 -25.28 43.74 19.03
CA GLN A 194 -26.22 43.31 17.96
C GLN A 194 -26.74 41.89 18.18
N ILE A 195 -25.84 40.96 18.48
CA ILE A 195 -26.19 39.54 18.75
C ILE A 195 -26.96 39.38 20.06
N MET A 196 -26.61 40.19 21.05
CA MET A 196 -27.32 40.21 22.32
C MET A 196 -28.74 40.74 22.18
N GLN A 197 -28.92 41.76 21.34
CA GLN A 197 -30.26 42.24 20.98
C GLN A 197 -31.07 41.13 20.27
N LEU A 198 -30.43 40.40 19.35
CA LEU A 198 -31.09 39.28 18.69
C LEU A 198 -31.68 38.28 19.69
N LEU A 199 -30.91 37.92 20.70
CA LEU A 199 -31.37 36.99 21.74
C LEU A 199 -32.56 37.56 22.51
N VAL A 200 -32.45 38.83 22.91
CA VAL A 200 -33.52 39.56 23.61
C VAL A 200 -34.83 39.52 22.84
N ASP A 201 -34.76 39.75 21.53
CA ASP A 201 -35.92 39.70 20.63
C ASP A 201 -36.55 38.32 20.59
N LEU A 202 -35.70 37.30 20.55
CA LEU A 202 -36.16 35.91 20.57
C LEU A 202 -36.74 35.55 21.95
N ASN A 203 -36.20 36.15 23.01
CA ASN A 203 -36.80 36.02 24.35
C ASN A 203 -38.16 36.72 24.44
N LYS A 204 -38.30 37.84 23.72
CA LYS A 204 -39.56 38.58 23.66
C LYS A 204 -40.67 37.79 22.95
N GLU A 205 -40.32 37.07 21.89
CA GLU A 205 -41.26 36.16 21.20
C GLU A 205 -41.59 34.89 21.98
N GLY A 206 -40.78 34.56 23.00
CA GLY A 206 -41.14 33.55 24.02
C GLY A 206 -40.22 32.38 24.29
N LYS A 207 -39.02 32.40 23.72
CA LYS A 207 -38.03 31.32 23.93
C LYS A 207 -37.23 31.55 25.21
N THR A 208 -37.14 30.51 26.03
CA THR A 208 -36.41 30.54 27.30
C THR A 208 -34.90 30.46 27.06
N ILE A 209 -34.14 31.36 27.69
CA ILE A 209 -32.67 31.37 27.54
C ILE A 209 -31.98 31.30 28.91
N ILE A 210 -31.24 30.22 29.14
CA ILE A 210 -30.31 30.16 30.25
C ILE A 210 -28.94 30.41 29.64
N MET A 211 -28.33 31.57 29.92
CA MET A 211 -26.99 31.90 29.43
C MET A 211 -25.95 32.03 30.55
N VAL A 212 -24.68 31.87 30.19
CA VAL A 212 -23.53 31.99 31.09
C VAL A 212 -22.54 33.01 30.52
N THR A 213 -21.96 33.82 31.39
CA THR A 213 -21.12 34.93 30.97
C THR A 213 -20.17 35.40 32.10
N HIS A 214 -19.00 35.87 31.71
CA HIS A 214 -18.06 36.48 32.66
C HIS A 214 -18.28 38.00 32.78
N GLU A 215 -18.97 38.62 31.81
CA GLU A 215 -19.10 40.09 31.73
C GLU A 215 -20.45 40.55 32.30
N PRO A 216 -20.45 41.58 33.18
CA PRO A 216 -21.72 42.18 33.57
C PRO A 216 -22.41 42.95 32.43
N GLU A 217 -21.65 43.49 31.49
CA GLU A 217 -22.24 44.21 30.35
C GLU A 217 -23.15 43.33 29.49
N ILE A 218 -22.88 42.02 29.52
CA ILE A 218 -23.64 40.98 28.81
C ILE A 218 -24.81 40.40 29.64
N ALA A 219 -24.59 40.22 30.95
CA ALA A 219 -25.63 39.70 31.84
C ALA A 219 -26.81 40.68 31.99
N ALA A 220 -26.48 41.97 32.03
CA ALA A 220 -27.44 43.10 31.96
C ALA A 220 -28.70 42.83 31.12
N TYR A 221 -28.50 42.24 29.95
CA TYR A 221 -29.57 41.98 29.00
C TYR A 221 -30.64 41.01 29.50
N ALA A 222 -30.30 40.17 30.48
CA ALA A 222 -31.23 39.17 31.00
C ALA A 222 -32.19 39.71 32.08
N LYS A 223 -33.34 39.06 32.21
CA LYS A 223 -34.33 39.34 33.26
C LYS A 223 -33.78 39.01 34.64
N ARG A 224 -33.45 37.74 34.81
CA ARG A 224 -33.04 37.17 36.09
C ARG A 224 -31.51 37.11 36.16
N GLN A 225 -30.96 36.97 37.37
CA GLN A 225 -29.51 36.97 37.61
C GLN A 225 -29.13 35.96 38.71
N ILE A 226 -28.60 34.80 38.32
CA ILE A 226 -28.13 33.78 39.27
C ILE A 226 -26.63 33.92 39.46
N VAL A 227 -26.16 33.68 40.68
CA VAL A 227 -24.72 33.61 40.98
C VAL A 227 -24.42 32.31 41.73
N ILE A 228 -23.58 31.47 41.15
CA ILE A 228 -23.12 30.23 41.79
C ILE A 228 -21.73 30.45 42.39
N ARG A 229 -21.57 30.06 43.66
CA ARG A 229 -20.27 29.97 44.32
C ARG A 229 -20.11 28.57 44.90
N ASP A 230 -19.09 27.85 44.43
CA ASP A 230 -18.74 26.51 44.95
C ASP A 230 -19.94 25.53 45.00
N GLY A 231 -20.45 25.20 43.83
CA GLY A 231 -21.47 24.16 43.68
C GLY A 231 -22.87 24.46 44.17
N VAL A 232 -23.10 25.67 44.66
CA VAL A 232 -24.39 26.04 45.22
C VAL A 232 -24.71 27.48 44.86
N ILE A 233 -25.99 27.72 44.57
CA ILE A 233 -26.47 29.04 44.20
C ILE A 233 -26.31 29.93 45.44
N SER A 234 -25.74 31.11 45.25
CA SER A 234 -25.59 32.09 46.33
C SER A 234 -26.56 33.29 46.20
N SER A 235 -26.69 33.82 44.98
CA SER A 235 -27.62 34.92 44.70
C SER A 235 -28.66 34.47 43.68
N ASP A 236 -29.69 35.31 43.51
CA ASP A 236 -30.81 35.06 42.59
C ASP A 236 -31.67 36.32 42.60
N SER A 237 -31.64 37.11 41.51
CA SER A 237 -32.42 38.35 41.46
C SER A 237 -33.94 38.12 41.44
N ALA A 238 -34.38 36.87 41.29
CA ALA A 238 -35.78 36.49 41.52
C ALA A 238 -36.08 36.12 42.98
N GLN A 239 -35.04 36.04 43.84
CA GLN A 239 -35.14 35.53 45.21
C GLN A 239 -35.60 34.08 45.28
N LYS B 14 17.09 56.19 18.81
CA LYS B 14 15.65 56.07 19.24
C LYS B 14 14.68 55.75 18.08
N GLN B 15 15.01 56.12 16.84
CA GLN B 15 14.07 55.98 15.72
C GLN B 15 14.08 54.53 15.16
N LEU B 16 12.92 53.84 15.25
CA LEU B 16 12.77 52.45 14.77
C LEU B 16 12.02 52.40 13.44
N ILE B 17 10.69 52.46 13.47
CA ILE B 17 9.88 52.26 12.27
C ILE B 17 9.82 53.57 11.50
N SER B 18 9.97 53.50 10.19
CA SER B 18 9.91 54.67 9.33
C SER B 18 9.33 54.25 7.99
N LEU B 19 8.02 54.21 7.91
CA LEU B 19 7.35 53.96 6.63
C LEU B 19 7.36 55.27 5.86
N LYS B 20 7.03 55.18 4.57
CA LYS B 20 7.19 56.31 3.65
C LYS B 20 6.59 55.96 2.28
N ASN B 21 5.51 56.64 1.92
CA ASN B 21 4.88 56.50 0.61
C ASN B 21 4.50 55.05 0.28
N ILE B 22 4.07 54.33 1.32
CA ILE B 22 3.83 52.91 1.26
C ILE B 22 2.47 52.66 0.60
N PHE B 23 2.48 51.87 -0.47
CA PHE B 23 1.25 51.36 -1.10
C PHE B 23 1.25 49.83 -1.02
N ARG B 24 0.06 49.25 -1.03
CA ARG B 24 -0.09 47.80 -1.16
C ARG B 24 -1.36 47.49 -1.95
N SER B 25 -1.17 46.98 -3.16
CA SER B 25 -2.24 46.68 -4.10
C SER B 25 -2.35 45.18 -4.25
N TYR B 26 -3.51 44.61 -3.94
CA TYR B 26 -3.72 43.16 -4.04
C TYR B 26 -4.44 42.75 -5.33
N ARG B 27 -3.66 42.72 -6.41
CA ARG B 27 -3.94 41.92 -7.62
C ARG B 27 -4.75 40.62 -7.40
N ASN B 28 -5.71 40.35 -8.27
CA ASN B 28 -6.60 39.18 -8.12
C ASN B 28 -7.35 38.88 -9.44
N GLY B 29 -6.59 38.48 -10.45
CA GLY B 29 -7.13 38.32 -11.80
C GLY B 29 -7.07 39.68 -12.49
N ASP B 30 -8.24 40.33 -12.64
CA ASP B 30 -8.31 41.70 -13.17
C ASP B 30 -8.22 42.76 -12.07
N GLN B 31 -8.81 42.48 -10.91
CA GLN B 31 -8.88 43.44 -9.80
C GLN B 31 -7.51 43.78 -9.22
N GLU B 32 -6.95 44.90 -9.64
CA GLU B 32 -5.86 45.55 -8.92
C GLU B 32 -6.50 46.32 -7.76
N LEU B 33 -6.82 45.59 -6.68
CA LEU B 33 -7.51 46.16 -5.51
C LEU B 33 -6.50 46.84 -4.57
N GLN B 34 -6.64 48.16 -4.41
CA GLN B 34 -5.73 48.93 -3.55
C GLN B 34 -6.20 48.85 -2.09
N VAL B 35 -5.24 48.72 -1.18
CA VAL B 35 -5.52 48.71 0.26
C VAL B 35 -4.75 49.83 0.95
N LEU B 36 -3.45 49.67 1.16
CA LEU B 36 -2.65 50.77 1.70
C LEU B 36 -2.30 51.75 0.57
N LYS B 37 -2.34 53.04 0.90
CA LYS B 37 -1.96 54.13 -0.02
C LYS B 37 -1.36 55.29 0.75
N ASN B 38 -0.24 55.79 0.24
CA ASN B 38 0.62 56.79 0.88
C ASN B 38 0.62 56.78 2.42
N ILE B 39 0.88 55.60 2.98
CA ILE B 39 1.09 55.47 4.43
C ILE B 39 2.43 56.13 4.75
N ASN B 40 2.37 57.33 5.33
CA ASN B 40 3.55 57.92 5.92
C ASN B 40 3.41 57.79 7.42
N LEU B 41 4.50 57.38 8.07
CA LEU B 41 4.46 57.07 9.48
C LEU B 41 5.89 56.90 10.02
N GLU B 42 6.13 57.37 11.24
CA GLU B 42 7.38 57.05 11.96
C GLU B 42 7.08 56.73 13.41
N VAL B 43 7.87 55.81 13.97
CA VAL B 43 7.72 55.34 15.36
C VAL B 43 9.10 55.27 16.03
N ASN B 44 9.22 55.87 17.21
CA ASN B 44 10.48 55.87 17.97
C ASN B 44 10.46 54.88 19.12
N GLU B 45 11.64 54.63 19.68
CA GLU B 45 11.85 53.56 20.66
C GLU B 45 11.12 53.91 21.97
N GLY B 46 10.62 52.88 22.67
CA GLY B 46 9.87 53.06 23.91
C GLY B 46 8.44 53.57 23.75
N GLU B 47 7.97 53.69 22.51
CA GLU B 47 6.63 54.20 22.22
C GLU B 47 5.59 53.10 22.43
N PHE B 48 4.34 53.50 22.61
CA PHE B 48 3.20 52.57 22.70
C PHE B 48 2.12 53.17 21.81
N VAL B 49 2.15 52.77 20.54
CA VAL B 49 1.18 53.24 19.55
C VAL B 49 0.01 52.26 19.53
N ALA B 50 -1.18 52.80 19.29
CA ALA B 50 -2.39 51.98 19.11
C ALA B 50 -3.06 52.39 17.80
N ILE B 51 -3.26 51.43 16.92
CA ILE B 51 -3.83 51.67 15.59
C ILE B 51 -5.26 51.16 15.53
N MET B 52 -6.18 52.05 15.15
CA MET B 52 -7.61 51.77 15.15
C MET B 52 -8.18 52.02 13.76
N GLY B 53 -9.41 51.55 13.52
CA GLY B 53 -10.08 51.77 12.25
C GLY B 53 -11.05 50.67 11.89
N PRO B 54 -11.91 50.92 10.89
CA PRO B 54 -12.90 49.94 10.45
C PRO B 54 -12.28 48.77 9.66
N SER B 55 -13.09 47.77 9.34
CA SER B 55 -12.67 46.64 8.51
C SER B 55 -12.46 47.10 7.07
N GLY B 56 -11.46 46.51 6.41
CA GLY B 56 -11.05 46.94 5.07
C GLY B 56 -9.99 48.03 5.03
N SER B 57 -9.74 48.69 6.16
CA SER B 57 -8.71 49.73 6.26
C SER B 57 -7.28 49.17 6.14
N GLY B 58 -7.13 47.87 6.43
CA GLY B 58 -5.85 47.20 6.31
C GLY B 58 -4.89 47.57 7.42
N LYS B 59 -5.37 47.49 8.66
CA LYS B 59 -4.50 47.54 9.83
C LYS B 59 -3.62 46.29 9.77
N SER B 60 -4.29 45.16 9.51
CA SER B 60 -3.68 43.90 9.11
C SER B 60 -2.51 44.06 8.14
N THR B 61 -2.78 44.66 6.98
CA THR B 61 -1.79 44.85 5.93
C THR B 61 -0.65 45.79 6.35
N LEU B 62 -1.00 46.82 7.10
CA LEU B 62 0.01 47.73 7.67
C LEU B 62 0.92 46.99 8.65
N MET B 63 0.29 46.24 9.54
CA MET B 63 0.99 45.49 10.60
C MET B 63 1.97 44.46 10.08
N ASN B 64 1.54 43.67 9.11
CA ASN B 64 2.41 42.69 8.47
C ASN B 64 3.52 43.37 7.69
N THR B 65 3.18 44.48 7.03
CA THR B 65 4.20 45.29 6.36
C THR B 65 5.32 45.62 7.37
N ILE B 66 4.95 46.13 8.54
CA ILE B 66 5.93 46.47 9.57
C ILE B 66 6.63 45.22 10.13
N GLY B 67 5.88 44.14 10.35
CA GLY B 67 6.42 42.88 10.88
C GLY B 67 7.20 42.05 9.88
N MET B 68 7.28 42.51 8.63
CA MET B 68 8.07 41.89 7.56
C MET B 68 7.49 40.54 7.09
N LEU B 69 6.18 40.37 7.26
CA LEU B 69 5.45 39.24 6.69
C LEU B 69 4.81 39.61 5.36
N ASP B 70 4.81 40.91 5.03
CA ASP B 70 4.28 41.42 3.78
C ASP B 70 5.24 42.48 3.24
N THR B 71 5.49 42.45 1.92
CA THR B 71 6.33 43.47 1.28
C THR B 71 5.43 44.43 0.50
N PRO B 72 5.62 45.76 0.70
CA PRO B 72 4.78 46.76 0.08
C PRO B 72 5.03 46.90 -1.44
N THR B 73 3.95 47.20 -2.18
CA THR B 73 3.98 47.36 -3.65
C THR B 73 4.95 48.43 -4.11
N SER B 74 4.85 49.61 -3.50
CA SER B 74 5.81 50.71 -3.69
C SER B 74 6.00 51.44 -2.36
N GLY B 75 7.01 52.31 -2.31
CA GLY B 75 7.35 53.04 -1.08
C GLY B 75 8.58 52.46 -0.37
N GLU B 76 8.78 52.89 0.87
CA GLU B 76 9.96 52.52 1.66
C GLU B 76 9.63 52.24 3.12
N TYR B 77 10.40 51.35 3.73
CA TYR B 77 10.29 51.05 5.16
C TYR B 77 11.69 50.89 5.72
N TYR B 78 12.09 51.82 6.59
CA TYR B 78 13.44 51.87 7.14
C TYR B 78 13.38 51.39 8.59
N LEU B 79 13.77 50.15 8.83
CA LEU B 79 13.91 49.63 10.18
C LEU B 79 15.30 49.99 10.71
N GLU B 80 15.33 50.78 11.78
CA GLU B 80 16.57 51.35 12.32
C GLU B 80 17.41 52.01 11.21
N GLY B 81 16.74 52.73 10.32
CA GLY B 81 17.41 53.46 9.23
C GLY B 81 17.72 52.67 7.96
N GLN B 82 17.96 51.37 8.08
CA GLN B 82 18.26 50.53 6.92
C GLN B 82 16.96 50.05 6.27
N GLU B 83 16.90 50.14 4.94
CA GLU B 83 15.70 49.81 4.17
C GLU B 83 15.55 48.31 4.19
N VAL B 84 14.35 47.82 4.46
CA VAL B 84 14.09 46.37 4.59
C VAL B 84 12.98 45.81 3.70
N ALA B 85 12.24 46.64 2.99
CA ALA B 85 11.29 46.16 1.98
C ALA B 85 12.05 45.81 0.71
N GLY B 86 12.22 44.50 0.47
CA GLY B 86 12.98 44.02 -0.68
C GLY B 86 14.03 42.95 -0.38
N LEU B 87 14.47 42.85 0.87
CA LEU B 87 15.41 41.81 1.27
C LEU B 87 14.92 40.43 0.90
N GLY B 88 15.85 39.54 0.55
CA GLY B 88 15.52 38.15 0.29
C GLY B 88 14.91 37.49 1.51
N GLU B 89 13.99 36.56 1.25
CA GLU B 89 13.27 35.83 2.31
C GLU B 89 14.19 35.24 3.39
N LYS B 90 15.29 34.64 2.95
CA LYS B 90 16.25 33.97 3.83
C LYS B 90 16.91 34.95 4.80
N GLN B 91 17.22 36.14 4.29
CA GLN B 91 17.81 37.23 5.08
C GLN B 91 16.75 38.00 5.87
N LEU B 92 15.60 38.25 5.24
CA LEU B 92 14.46 38.94 5.87
C LEU B 92 13.92 38.16 7.08
N ALA B 93 13.84 36.84 6.95
CA ALA B 93 13.48 35.96 8.07
C ALA B 93 14.47 35.99 9.26
N LYS B 94 15.74 36.31 8.99
CA LYS B 94 16.69 36.62 10.08
C LYS B 94 16.32 37.92 10.81
N VAL B 95 16.02 38.96 10.03
CA VAL B 95 15.69 40.30 10.58
C VAL B 95 14.43 40.22 11.44
N ARG B 96 13.44 39.46 10.95
CA ARG B 96 12.17 39.23 11.65
C ARG B 96 12.40 38.59 13.01
N ASN B 97 13.20 37.53 13.03
CA ASN B 97 13.55 36.79 14.27
C ASN B 97 14.19 37.66 15.34
N GLN B 98 15.03 38.59 14.91
CA GLN B 98 15.76 39.46 15.83
C GLN B 98 15.00 40.72 16.24
N GLN B 99 14.09 41.22 15.39
CA GLN B 99 13.49 42.55 15.59
C GLN B 99 11.98 42.60 15.92
N ILE B 100 11.22 41.57 15.55
CA ILE B 100 9.76 41.57 15.73
C ILE B 100 9.34 40.47 16.72
N GLY B 101 8.56 40.86 17.71
CA GLY B 101 7.92 39.93 18.62
C GLY B 101 6.44 39.96 18.33
N PHE B 102 5.91 38.86 17.79
CA PHE B 102 4.51 38.80 17.40
C PHE B 102 3.63 38.32 18.58
N VAL B 103 2.60 39.11 18.90
CA VAL B 103 1.57 38.76 19.88
C VAL B 103 0.21 38.71 19.18
N PHE B 104 -0.46 37.56 19.28
CA PHE B 104 -1.70 37.29 18.53
C PHE B 104 -2.95 37.23 19.45
N GLN B 105 -4.13 37.45 18.84
CA GLN B 105 -5.40 37.53 19.59
C GLN B 105 -5.78 36.21 20.24
N GLN B 106 -5.94 35.18 19.42
CA GLN B 106 -5.85 33.80 19.93
C GLN B 106 -4.34 33.63 19.94
N PHE B 107 -3.84 32.80 20.83
CA PHE B 107 -2.47 32.98 21.32
C PHE B 107 -1.42 32.27 20.47
N PHE B 108 -1.87 31.31 19.65
CA PHE B 108 -1.03 30.54 18.74
C PHE B 108 0.12 29.90 19.49
N LEU B 109 -0.26 29.04 20.43
CA LEU B 109 0.69 28.18 21.10
C LEU B 109 0.61 26.80 20.47
N LEU B 110 1.78 26.25 20.14
CA LEU B 110 1.89 24.90 19.60
C LEU B 110 1.53 23.90 20.69
N SER B 111 0.46 23.14 20.45
CA SER B 111 -0.18 22.34 21.50
C SER B 111 0.60 21.11 21.98
N LYS B 112 1.58 20.66 21.20
CA LYS B 112 2.46 19.53 21.59
C LYS B 112 3.72 19.96 22.32
N LEU B 113 3.93 21.28 22.48
CA LEU B 113 5.05 21.82 23.23
C LEU B 113 4.51 22.44 24.51
N ASN B 114 5.22 22.25 25.60
CA ASN B 114 4.93 22.96 26.84
C ASN B 114 5.26 24.45 26.72
N ALA B 115 4.77 25.23 27.69
CA ALA B 115 5.02 26.67 27.76
C ALA B 115 6.51 27.04 27.66
N LEU B 116 7.36 26.26 28.30
CA LEU B 116 8.80 26.53 28.33
C LEU B 116 9.36 26.46 26.91
N GLN B 117 9.20 25.30 26.27
CA GLN B 117 9.77 25.07 24.93
C GLN B 117 8.98 25.77 23.81
N ASN B 118 7.74 26.19 24.10
CA ASN B 118 6.98 27.05 23.19
C ASN B 118 7.60 28.45 23.14
N VAL B 119 8.12 28.87 24.30
CA VAL B 119 8.86 30.12 24.44
C VAL B 119 10.30 30.02 23.91
N GLU B 120 10.91 28.84 24.03
CA GLU B 120 12.24 28.57 23.47
C GLU B 120 12.30 28.64 21.95
N LEU B 121 11.18 28.32 21.29
CA LEU B 121 11.14 28.16 19.83
C LEU B 121 11.83 29.27 19.04
N PRO B 122 11.55 30.56 19.34
CA PRO B 122 12.26 31.60 18.60
C PRO B 122 13.77 31.58 18.80
N LEU B 123 14.23 31.17 19.98
CA LEU B 123 15.68 31.04 20.23
C LEU B 123 16.35 30.00 19.32
N ILE B 124 15.64 28.93 18.95
CA ILE B 124 16.22 27.95 18.02
C ILE B 124 16.54 28.62 16.70
N TYR B 125 15.55 29.29 16.12
CA TYR B 125 15.76 29.99 14.85
C TYR B 125 16.81 31.12 14.98
N ALA B 126 16.93 31.71 16.16
CA ALA B 126 18.05 32.61 16.46
C ALA B 126 19.42 31.89 16.51
N GLY B 127 19.42 30.61 16.88
CA GLY B 127 20.63 29.79 16.88
C GLY B 127 21.33 29.83 18.21
N VAL B 128 20.56 29.64 19.26
CA VAL B 128 21.04 29.74 20.64
C VAL B 128 21.32 28.32 21.15
N SER B 129 22.32 28.20 22.02
CA SER B 129 22.68 26.90 22.61
C SER B 129 21.63 26.43 23.61
N SER B 130 21.49 25.11 23.77
CA SER B 130 20.44 24.54 24.64
C SER B 130 20.57 24.92 26.12
N SER B 131 21.81 25.03 26.60
CA SER B 131 22.12 25.55 27.93
C SER B 131 21.40 26.87 28.18
N LYS B 132 21.61 27.81 27.27
CA LYS B 132 21.09 29.16 27.40
C LYS B 132 19.57 29.16 27.21
N ARG B 133 19.10 28.52 26.14
CA ARG B 133 17.68 28.53 25.72
C ARG B 133 16.68 28.29 26.85
N ARG B 134 16.93 27.28 27.68
CA ARG B 134 16.04 26.97 28.81
C ARG B 134 16.08 28.08 29.87
N LYS B 135 17.24 28.70 30.06
CA LYS B 135 17.40 29.77 31.06
C LYS B 135 16.93 31.13 30.57
N LEU B 136 17.14 31.42 29.28
CA LEU B 136 16.53 32.61 28.64
C LEU B 136 15.00 32.50 28.75
N ALA B 137 14.47 31.32 28.41
CA ALA B 137 13.03 31.04 28.52
C ALA B 137 12.50 31.24 29.94
N GLU B 138 13.22 30.67 30.92
CA GLU B 138 12.83 30.77 32.32
C GLU B 138 12.77 32.23 32.78
N GLU B 139 13.82 33.00 32.47
CA GLU B 139 13.89 34.42 32.84
C GLU B 139 12.71 35.21 32.28
N TYR B 140 12.35 34.96 31.04
CA TYR B 140 11.27 35.69 30.36
C TYR B 140 9.86 35.23 30.78
N LEU B 141 9.70 33.95 31.11
CA LEU B 141 8.47 33.49 31.74
C LEU B 141 8.32 34.08 33.15
N ASP B 142 9.44 34.38 33.81
CA ASP B 142 9.44 35.15 35.07
C ASP B 142 9.02 36.60 34.83
N LYS B 143 9.54 37.21 33.76
CA LYS B 143 9.22 38.61 33.44
C LYS B 143 7.71 38.85 33.26
N VAL B 144 7.02 37.92 32.61
CA VAL B 144 5.57 38.00 32.39
C VAL B 144 4.70 37.51 33.58
N GLU B 145 5.34 36.93 34.60
CA GLU B 145 4.67 36.54 35.86
C GLU B 145 3.78 35.31 35.65
N LEU B 146 4.39 34.17 35.33
CA LEU B 146 3.68 32.90 35.14
C LEU B 146 3.79 32.02 36.39
N THR B 147 2.64 31.73 37.04
CA THR B 147 2.60 30.92 38.27
C THR B 147 2.44 29.41 38.02
N GLU B 148 1.41 29.04 37.24
CA GLU B 148 1.23 27.66 36.74
C GLU B 148 2.49 27.24 35.99
N ARG B 149 2.95 26.04 36.30
CA ARG B 149 4.31 25.64 35.95
C ARG B 149 4.54 25.67 34.43
N SER B 150 5.78 25.97 34.07
CA SER B 150 6.20 26.10 32.67
C SER B 150 6.19 24.76 31.92
N HIS B 151 6.22 23.65 32.64
CA HIS B 151 6.23 22.30 32.02
C HIS B 151 4.82 21.75 31.73
N HIS B 152 3.86 22.62 31.43
CA HIS B 152 2.47 22.23 31.07
C HIS B 152 2.20 22.58 29.62
N LEU B 153 1.38 21.76 28.96
CA LEU B 153 0.92 22.06 27.61
C LEU B 153 -0.08 23.23 27.66
N PRO B 154 -0.26 23.95 26.53
CA PRO B 154 -1.31 24.98 26.49
C PRO B 154 -2.73 24.44 26.75
N SER B 155 -2.92 23.13 26.54
CA SER B 155 -4.11 22.38 26.97
C SER B 155 -4.57 22.66 28.41
N GLU B 156 -3.60 22.65 29.33
CA GLU B 156 -3.85 22.80 30.78
C GLU B 156 -3.60 24.24 31.29
N LEU B 157 -3.51 25.21 30.38
CA LEU B 157 -3.30 26.61 30.72
C LEU B 157 -4.59 27.38 30.52
N SER B 158 -4.75 28.46 31.27
CA SER B 158 -5.90 29.37 31.15
C SER B 158 -5.63 30.38 30.03
N GLY B 159 -6.54 31.33 29.83
CA GLY B 159 -6.41 32.33 28.77
C GLY B 159 -5.23 33.24 29.01
N GLY B 160 -5.29 33.96 30.12
CA GLY B 160 -4.27 34.94 30.50
C GLY B 160 -2.89 34.33 30.65
N GLN B 161 -2.85 33.07 31.06
CA GLN B 161 -1.60 32.31 31.14
C GLN B 161 -1.03 31.95 29.77
N LYS B 162 -1.90 31.58 28.82
CA LYS B 162 -1.48 31.32 27.45
C LYS B 162 -0.98 32.59 26.78
N GLN B 163 -1.67 33.71 27.01
CA GLN B 163 -1.24 34.98 26.42
C GLN B 163 0.05 35.50 27.06
N ARG B 164 0.29 35.14 28.33
CA ARG B 164 1.58 35.41 28.99
C ARG B 164 2.73 34.66 28.31
N VAL B 165 2.54 33.37 28.07
CA VAL B 165 3.54 32.54 27.38
C VAL B 165 3.78 33.15 26.00
N ALA B 166 2.70 33.43 25.28
CA ALA B 166 2.78 34.07 23.97
C ALA B 166 3.57 35.38 23.97
N ILE B 167 3.45 36.17 25.05
CA ILE B 167 4.22 37.41 25.20
C ILE B 167 5.65 37.13 25.64
N ALA B 168 5.88 36.10 26.46
CA ALA B 168 7.23 35.66 26.78
C ALA B 168 7.98 35.27 25.49
N ARG B 169 7.36 34.43 24.67
CA ARG B 169 7.88 34.04 23.36
C ARG B 169 8.16 35.26 22.46
N ALA B 170 7.28 36.27 22.53
CA ALA B 170 7.50 37.52 21.80
C ALA B 170 8.71 38.32 22.29
N LEU B 171 9.13 38.09 23.52
CA LEU B 171 10.22 38.83 24.15
C LEU B 171 11.59 38.13 24.13
N VAL B 172 11.62 36.81 23.97
CA VAL B 172 12.86 36.03 24.17
C VAL B 172 14.11 36.45 23.42
N ASN B 173 13.94 36.95 22.19
CA ASN B 173 15.08 37.37 21.37
C ASN B 173 15.26 38.92 21.40
N ASN B 174 14.87 39.53 22.53
CA ASN B 174 14.98 40.98 22.79
C ASN B 174 14.71 41.84 21.54
N PRO B 175 13.47 41.77 21.04
CA PRO B 175 13.14 42.49 19.80
C PRO B 175 12.93 43.99 19.98
N SER B 176 13.00 44.69 18.85
CA SER B 176 12.80 46.13 18.80
C SER B 176 11.32 46.51 18.92
N ILE B 177 10.46 45.83 18.16
CA ILE B 177 9.02 46.11 18.16
C ILE B 177 8.26 44.87 18.62
N ILE B 178 7.26 45.09 19.47
CA ILE B 178 6.22 44.10 19.75
C ILE B 178 5.01 44.52 18.94
N LEU B 179 4.62 43.71 17.97
CA LEU B 179 3.36 43.90 17.27
C LEU B 179 2.31 43.05 17.96
N ALA B 180 1.29 43.71 18.49
CA ALA B 180 0.18 43.04 19.17
C ALA B 180 -1.10 43.30 18.37
N ASP B 181 -1.90 42.26 18.17
CA ASP B 181 -3.15 42.35 17.40
C ASP B 181 -4.29 41.90 18.30
N GLU B 182 -4.90 42.86 18.99
CA GLU B 182 -6.07 42.61 19.82
C GLU B 182 -5.81 41.53 20.87
N PRO B 183 -4.86 41.78 21.80
CA PRO B 183 -4.42 40.73 22.72
C PRO B 183 -5.50 40.28 23.70
N THR B 184 -6.31 41.25 24.12
CA THR B 184 -7.45 41.05 25.01
C THR B 184 -8.66 40.42 24.31
N GLY B 185 -8.56 40.17 23.00
CA GLY B 185 -9.67 39.76 22.17
C GLY B 185 -10.24 38.39 22.46
N ALA B 186 -9.43 37.52 23.05
CA ALA B 186 -9.86 36.20 23.47
C ALA B 186 -9.95 36.11 24.99
N LEU B 187 -10.20 37.23 25.67
CA LEU B 187 -10.13 37.30 27.13
C LEU B 187 -11.24 38.15 27.74
N ASP B 188 -11.61 37.82 28.98
CA ASP B 188 -12.62 38.57 29.74
C ASP B 188 -12.01 39.81 30.34
N THR B 189 -12.82 40.87 30.44
CA THR B 189 -12.43 42.17 31.02
C THR B 189 -11.45 42.06 32.19
N LYS B 190 -11.78 41.20 33.16
CA LYS B 190 -11.00 41.07 34.39
C LYS B 190 -9.54 40.65 34.13
N THR B 191 -9.35 39.60 33.33
CA THR B 191 -8.00 39.07 33.05
C THR B 191 -7.35 39.76 31.83
N GLY B 192 -8.16 40.41 31.00
CA GLY B 192 -7.65 41.24 29.92
C GLY B 192 -6.93 42.46 30.45
N ASN B 193 -7.49 43.08 31.49
CA ASN B 193 -6.90 44.26 32.12
C ASN B 193 -5.58 43.91 32.85
N GLN B 194 -5.50 42.68 33.33
CA GLN B 194 -4.25 42.11 33.85
C GLN B 194 -3.14 42.04 32.77
N ILE B 195 -3.49 41.55 31.58
CA ILE B 195 -2.56 41.49 30.42
C ILE B 195 -2.21 42.88 29.88
N MET B 196 -3.16 43.80 29.90
CA MET B 196 -2.94 45.17 29.44
C MET B 196 -1.98 45.95 30.33
N GLN B 197 -2.03 45.72 31.64
CA GLN B 197 -1.02 46.26 32.55
C GLN B 197 0.37 45.69 32.22
N LEU B 198 0.45 44.36 32.01
CA LEU B 198 1.71 43.70 31.60
C LEU B 198 2.34 44.43 30.41
N LEU B 199 1.54 44.69 29.39
CA LEU B 199 2.00 45.42 28.20
C LEU B 199 2.43 46.84 28.55
N VAL B 200 1.69 47.49 29.44
CA VAL B 200 2.08 48.81 29.96
C VAL B 200 3.42 48.73 30.71
N ASP B 201 3.54 47.79 31.64
CA ASP B 201 4.78 47.57 32.38
C ASP B 201 5.99 47.29 31.45
N LEU B 202 5.76 46.49 30.41
CA LEU B 202 6.81 46.14 29.43
C LEU B 202 7.29 47.36 28.64
N ASN B 203 6.33 48.13 28.14
CA ASN B 203 6.61 49.40 27.44
C ASN B 203 7.21 50.49 28.35
N LYS B 204 6.87 50.42 29.64
CA LYS B 204 7.50 51.28 30.66
C LYS B 204 9.00 50.98 30.77
N GLU B 205 9.37 49.70 30.71
CA GLU B 205 10.79 49.29 30.69
C GLU B 205 11.52 49.71 29.42
N GLY B 206 10.79 50.23 28.44
CA GLY B 206 11.35 50.81 27.23
C GLY B 206 11.13 50.00 25.96
N LYS B 207 10.38 48.90 26.04
CA LYS B 207 10.07 48.07 24.87
C LYS B 207 8.94 48.66 24.05
N THR B 208 9.22 48.98 22.80
CA THR B 208 8.25 49.56 21.89
C THR B 208 7.12 48.57 21.62
N ILE B 209 5.90 49.10 21.50
CA ILE B 209 4.71 48.30 21.17
C ILE B 209 3.84 49.02 20.13
N ILE B 210 3.27 48.28 19.18
CA ILE B 210 2.28 48.81 18.24
C ILE B 210 1.12 47.82 18.14
N MET B 211 -0.04 48.25 18.64
CA MET B 211 -1.19 47.36 18.86
C MET B 211 -2.40 47.76 18.02
N VAL B 212 -3.05 46.77 17.41
CA VAL B 212 -4.30 46.97 16.71
C VAL B 212 -5.42 46.53 17.59
N THR B 213 -6.51 47.29 17.60
CA THR B 213 -7.70 46.91 18.35
C THR B 213 -8.92 47.63 17.77
N HIS B 214 -10.09 47.03 17.95
CA HIS B 214 -11.38 47.60 17.54
C HIS B 214 -12.11 48.14 18.77
N GLU B 215 -11.34 48.36 19.85
CA GLU B 215 -11.87 48.63 21.19
C GLU B 215 -11.26 49.94 21.74
N PRO B 216 -12.10 50.99 21.95
CA PRO B 216 -11.61 52.23 22.58
C PRO B 216 -11.06 52.03 23.99
N GLU B 217 -11.68 51.12 24.73
CA GLU B 217 -11.28 50.78 26.10
C GLU B 217 -9.81 50.29 26.17
N ILE B 218 -9.37 49.58 25.13
CA ILE B 218 -8.04 48.95 25.08
C ILE B 218 -6.98 49.88 24.47
N ALA B 219 -7.34 50.60 23.40
CA ALA B 219 -6.43 51.59 22.80
C ALA B 219 -6.02 52.67 23.79
N ALA B 220 -6.92 52.96 24.74
CA ALA B 220 -6.69 53.89 25.85
C ALA B 220 -5.42 53.67 26.68
N TYR B 221 -4.92 52.43 26.73
CA TYR B 221 -3.73 52.10 27.51
C TYR B 221 -2.42 52.56 26.84
N ALA B 222 -2.48 52.90 25.55
CA ALA B 222 -1.28 53.24 24.77
C ALA B 222 -1.03 54.76 24.72
N LYS B 223 0.25 55.15 24.78
CA LYS B 223 0.70 56.54 24.73
C LYS B 223 0.33 57.40 23.48
N ARG B 224 -0.24 56.81 22.43
CA ARG B 224 -0.41 57.49 21.13
C ARG B 224 -1.49 56.79 20.28
N GLN B 225 -2.48 57.54 19.79
CA GLN B 225 -3.58 56.95 19.00
C GLN B 225 -3.42 57.26 17.53
N ILE B 226 -3.62 56.24 16.71
CA ILE B 226 -3.60 56.36 15.25
C ILE B 226 -4.92 55.78 14.74
N VAL B 227 -5.46 56.39 13.68
CA VAL B 227 -6.67 55.87 13.03
C VAL B 227 -6.43 55.79 11.53
N ILE B 228 -6.95 54.72 10.92
CA ILE B 228 -6.89 54.49 9.49
C ILE B 228 -8.32 54.51 8.96
N ARG B 229 -8.51 55.17 7.83
CA ARG B 229 -9.76 55.11 7.07
C ARG B 229 -9.36 54.86 5.62
N ASP B 230 -9.85 53.75 5.06
CA ASP B 230 -9.61 53.38 3.66
C ASP B 230 -8.12 53.40 3.29
N GLY B 231 -7.31 52.70 4.10
CA GLY B 231 -5.88 52.57 3.87
C GLY B 231 -5.04 53.83 3.96
N VAL B 232 -5.54 54.86 4.63
CA VAL B 232 -4.82 56.12 4.80
C VAL B 232 -4.85 56.49 6.27
N ILE B 233 -3.68 56.50 6.91
CA ILE B 233 -3.48 57.15 8.20
C ILE B 233 -4.23 58.49 8.20
N SER B 234 -5.26 58.61 9.06
CA SER B 234 -6.18 59.75 9.05
C SER B 234 -6.27 60.58 10.36
N SER B 235 -5.45 60.25 11.36
CA SER B 235 -5.27 61.08 12.58
C SER B 235 -4.25 60.46 13.54
N ASP B 236 -3.25 61.25 13.91
CA ASP B 236 -2.17 60.82 14.80
C ASP B 236 -2.28 61.65 16.11
N SER B 237 -1.28 61.54 17.00
CA SER B 237 -1.15 62.40 18.17
C SER B 237 0.24 63.06 18.21
N ALA B 238 0.87 63.23 17.04
CA ALA B 238 2.19 63.85 16.90
C ALA B 238 2.06 65.30 16.42
N GLN B 239 1.42 65.50 15.25
CA GLN B 239 1.12 66.83 14.69
C GLN B 239 2.37 67.72 14.52
N GLN C 2 17.73 22.22 15.34
CA GLN C 2 17.98 22.00 13.88
C GLN C 2 16.84 21.21 13.21
N ASN C 3 16.95 21.02 11.89
CA ASN C 3 15.88 20.41 11.11
C ASN C 3 15.68 18.90 11.37
N LEU C 4 16.72 18.19 11.81
CA LEU C 4 16.58 16.77 12.19
C LEU C 4 15.77 16.57 13.48
N LYS C 5 15.92 17.49 14.44
CA LYS C 5 15.26 17.36 15.75
C LYS C 5 13.77 17.65 15.66
N PHE C 6 13.42 18.71 14.92
CA PHE C 6 12.03 19.00 14.56
C PHE C 6 11.36 17.83 13.84
N ALA C 7 12.12 17.14 12.99
CA ALA C 7 11.63 15.93 12.34
C ALA C 7 11.28 14.87 13.36
N PHE C 8 12.22 14.55 14.25
CA PHE C 8 11.96 13.52 15.25
C PHE C 8 10.85 13.89 16.25
N SER C 9 10.79 15.16 16.64
CA SER C 9 9.72 15.66 17.53
C SER C 9 8.32 15.41 16.97
N SER C 10 8.15 15.66 15.67
CA SER C 10 6.86 15.51 15.01
C SER C 10 6.42 14.06 14.95
N ILE C 11 7.38 13.16 14.72
CA ILE C 11 7.09 11.74 14.61
C ILE C 11 6.65 11.24 15.97
N MET C 12 7.37 11.66 17.01
CA MET C 12 7.02 11.33 18.39
C MET C 12 5.69 11.96 18.85
N ALA C 13 5.32 13.08 18.24
CA ALA C 13 4.05 13.76 18.55
C ALA C 13 2.81 12.91 18.25
N HIS C 14 2.83 12.21 17.12
CA HIS C 14 1.74 11.30 16.73
C HIS C 14 2.32 9.90 16.53
N LYS C 15 2.52 9.21 17.66
CA LYS C 15 3.25 7.95 17.67
C LYS C 15 2.53 6.85 16.90
N MET C 16 1.27 6.66 17.25
CA MET C 16 0.47 5.59 16.68
C MET C 16 0.09 5.85 15.21
N ARG C 17 0.07 7.12 14.78
CA ARG C 17 -0.07 7.48 13.37
C ARG C 17 1.20 7.11 12.60
N SER C 18 2.35 7.54 13.14
CA SER C 18 3.66 7.26 12.56
C SER C 18 3.95 5.77 12.52
N LEU C 19 3.66 5.11 13.64
CA LEU C 19 3.85 3.68 13.75
C LEU C 19 3.12 2.96 12.63
N LEU C 20 1.84 3.24 12.51
CA LEU C 20 0.96 2.64 11.49
C LEU C 20 1.51 2.87 10.07
N THR C 21 1.96 4.10 9.80
CA THR C 21 2.59 4.44 8.52
C THR C 21 3.82 3.58 8.27
N MET C 22 4.70 3.48 9.26
CA MET C 22 5.89 2.61 9.16
C MET C 22 5.52 1.17 8.79
N ILE C 23 4.50 0.61 9.45
CA ILE C 23 4.04 -0.78 9.20
C ILE C 23 3.79 -1.07 7.71
N GLY C 24 3.24 -0.10 6.98
CA GLY C 24 3.11 -0.19 5.54
C GLY C 24 4.45 -0.33 4.84
N ILE C 25 5.44 0.42 5.29
CA ILE C 25 6.80 0.27 4.76
C ILE C 25 7.50 -0.99 5.29
N ILE C 26 7.26 -1.39 6.55
CA ILE C 26 7.83 -2.65 7.09
C ILE C 26 7.37 -3.79 6.17
N ILE C 27 6.06 -3.98 6.10
CA ILE C 27 5.43 -5.04 5.33
C ILE C 27 6.03 -5.12 3.93
N GLY C 28 6.08 -3.97 3.25
CA GLY C 28 6.51 -3.91 1.85
C GLY C 28 7.97 -4.23 1.64
N VAL C 29 8.83 -3.71 2.51
CA VAL C 29 10.27 -3.93 2.39
C VAL C 29 10.59 -5.38 2.70
N SER C 30 10.02 -5.91 3.79
CA SER C 30 10.27 -7.30 4.18
C SER C 30 9.76 -8.31 3.15
N SER C 31 8.64 -8.02 2.50
CA SER C 31 8.14 -8.86 1.39
C SER C 31 9.14 -8.90 0.23
N VAL C 32 9.58 -7.72 -0.22
CA VAL C 32 10.52 -7.61 -1.33
C VAL C 32 11.89 -8.22 -0.99
N VAL C 33 12.42 -7.92 0.18
CA VAL C 33 13.70 -8.48 0.60
C VAL C 33 13.64 -10.00 0.78
N VAL C 34 12.54 -10.53 1.35
CA VAL C 34 12.37 -11.99 1.49
C VAL C 34 12.37 -12.68 0.13
N ILE C 35 11.61 -12.13 -0.83
CA ILE C 35 11.57 -12.70 -2.19
C ILE C 35 12.92 -12.54 -2.87
N MET C 36 13.52 -11.34 -2.79
CA MET C 36 14.86 -11.10 -3.37
C MET C 36 15.98 -11.94 -2.73
N ALA C 37 15.82 -12.28 -1.46
CA ALA C 37 16.79 -13.12 -0.77
C ALA C 37 16.87 -14.50 -1.41
N LEU C 38 15.72 -15.12 -1.61
CA LEU C 38 15.65 -16.51 -2.05
C LEU C 38 16.21 -16.61 -3.47
N GLY C 39 15.66 -15.78 -4.35
CA GLY C 39 16.16 -15.64 -5.72
C GLY C 39 17.65 -15.34 -5.88
N ASP C 40 18.25 -14.70 -4.87
CA ASP C 40 19.69 -14.49 -4.86
C ASP C 40 20.41 -15.75 -4.38
N SER C 41 19.96 -16.27 -3.25
CA SER C 41 20.56 -17.47 -2.68
C SER C 41 20.52 -18.64 -3.66
N LEU C 42 19.39 -18.78 -4.36
CA LEU C 42 19.27 -19.73 -5.46
C LEU C 42 20.29 -19.44 -6.55
N SER C 43 20.43 -18.16 -6.90
CA SER C 43 21.42 -17.70 -7.89
C SER C 43 22.88 -17.94 -7.48
N ARG C 44 23.21 -17.66 -6.21
CA ARG C 44 24.59 -17.84 -5.72
C ARG C 44 24.98 -19.32 -5.61
N GLN C 45 23.99 -20.18 -5.34
CA GLN C 45 24.24 -21.64 -5.26
C GLN C 45 24.42 -22.26 -6.64
N VAL C 46 24.01 -21.56 -7.69
CA VAL C 46 24.38 -21.87 -9.08
C VAL C 46 25.78 -21.33 -9.39
N ASN C 47 26.08 -20.11 -8.96
CA ASN C 47 27.40 -19.49 -9.19
C ASN C 47 28.56 -20.16 -8.43
N LYS C 48 28.24 -21.03 -7.47
CA LYS C 48 29.22 -21.98 -6.93
C LYS C 48 29.57 -23.02 -8.01
N ASP C 49 28.56 -23.68 -8.56
CA ASP C 49 28.74 -24.68 -9.64
C ASP C 49 29.41 -24.09 -10.89
N MET C 50 29.10 -22.83 -11.20
CA MET C 50 29.76 -22.07 -12.28
C MET C 50 31.29 -22.18 -12.21
N THR C 51 31.83 -22.00 -11.01
CA THR C 51 33.28 -21.91 -10.79
C THR C 51 33.95 -23.29 -10.53
N LYS C 52 33.18 -24.27 -10.08
CA LYS C 52 33.63 -25.68 -10.09
C LYS C 52 33.81 -26.14 -11.54
N SER C 53 32.92 -25.72 -12.42
CA SER C 53 32.99 -26.08 -13.86
C SER C 53 34.18 -25.50 -14.64
N GLN C 54 34.85 -24.48 -14.10
CA GLN C 54 36.02 -23.88 -14.75
C GLN C 54 37.26 -24.78 -14.71
N LYS C 55 37.30 -25.72 -13.77
CA LYS C 55 38.31 -26.79 -13.77
C LYS C 55 38.14 -27.75 -14.95
N ASN C 56 36.90 -27.92 -15.42
CA ASN C 56 36.64 -28.71 -16.62
C ASN C 56 36.96 -27.95 -17.91
N ILE C 57 37.30 -28.71 -18.96
CA ILE C 57 37.52 -28.19 -20.31
C ILE C 57 36.73 -29.08 -21.26
N SER C 58 35.60 -28.57 -21.76
CA SER C 58 34.75 -29.35 -22.66
C SER C 58 35.20 -29.15 -24.11
N VAL C 59 35.44 -30.25 -24.82
CA VAL C 59 35.81 -30.20 -26.25
C VAL C 59 34.68 -30.85 -27.06
N PHE C 60 34.40 -30.26 -28.22
CA PHE C 60 33.32 -30.73 -29.10
C PHE C 60 33.64 -30.53 -30.58
N PHE C 61 32.94 -31.27 -31.43
CA PHE C 61 33.12 -31.23 -32.88
C PHE C 61 32.33 -30.09 -33.50
N SER C 62 33.03 -29.03 -33.90
CA SER C 62 32.45 -27.95 -34.70
C SER C 62 32.57 -28.36 -36.16
N PRO C 63 31.43 -28.39 -36.92
CA PRO C 63 31.55 -28.75 -38.34
C PRO C 63 32.41 -27.81 -39.20
N LYS C 64 32.45 -26.51 -38.89
CA LYS C 64 33.23 -25.53 -39.65
C LYS C 64 34.28 -24.81 -38.78
N LYS C 65 35.52 -24.75 -39.30
CA LYS C 65 36.64 -24.05 -38.63
C LYS C 65 36.28 -22.60 -38.30
N PRO C 91 30.69 -35.81 -39.16
CA PRO C 91 30.45 -35.99 -37.73
C PRO C 91 31.13 -37.26 -37.16
N PRO C 92 32.43 -37.47 -37.46
CA PRO C 92 33.08 -38.79 -37.34
C PRO C 92 33.21 -39.34 -35.92
N LYS C 93 33.14 -40.69 -35.82
CA LYS C 93 33.23 -41.44 -34.56
C LYS C 93 34.49 -41.10 -33.74
N PRO C 94 34.31 -40.58 -32.51
CA PRO C 94 35.45 -40.22 -31.66
C PRO C 94 36.02 -41.37 -30.82
N GLN C 95 37.24 -41.81 -31.12
CA GLN C 95 37.93 -42.84 -30.32
C GLN C 95 38.25 -42.35 -28.91
N GLU C 96 37.99 -43.19 -27.90
CA GLU C 96 38.29 -42.85 -26.50
C GLU C 96 39.78 -42.64 -26.25
N SER C 97 40.64 -43.47 -26.87
CA SER C 97 42.10 -43.41 -26.64
C SER C 97 42.78 -42.19 -27.28
N TRP C 98 42.08 -41.47 -28.15
CA TRP C 98 42.46 -40.11 -28.50
C TRP C 98 42.46 -39.24 -27.24
N VAL C 99 41.35 -39.26 -26.52
CA VAL C 99 41.15 -38.39 -25.36
C VAL C 99 42.15 -38.69 -24.25
N GLN C 100 42.49 -39.97 -24.04
CA GLN C 100 43.54 -40.35 -23.08
C GLN C 100 44.90 -39.80 -23.51
N GLU C 101 45.17 -39.84 -24.82
CA GLU C 101 46.42 -39.35 -25.38
C GLU C 101 46.51 -37.83 -25.27
N ALA C 102 45.44 -37.13 -25.65
CA ALA C 102 45.37 -35.67 -25.45
C ALA C 102 45.66 -35.33 -23.98
N ALA C 103 44.99 -36.03 -23.06
CA ALA C 103 45.12 -35.79 -21.60
C ALA C 103 46.51 -35.96 -20.99
N LYS C 104 47.44 -36.58 -21.74
CA LYS C 104 48.86 -36.62 -21.38
C LYS C 104 49.41 -35.21 -21.12
N LEU C 105 49.06 -34.29 -22.02
CA LEU C 105 49.32 -32.83 -21.91
C LEU C 105 49.49 -32.34 -20.45
N LYS C 106 50.63 -31.73 -20.15
CA LYS C 106 50.98 -31.33 -18.77
C LYS C 106 50.02 -30.27 -18.21
N GLY C 107 49.56 -30.50 -16.98
CA GLY C 107 48.57 -29.63 -16.34
C GLY C 107 47.17 -30.23 -16.28
N VAL C 108 46.94 -31.26 -17.10
CA VAL C 108 45.68 -31.97 -17.13
C VAL C 108 45.75 -33.09 -16.10
N ASP C 109 44.94 -33.00 -15.05
CA ASP C 109 44.90 -33.98 -13.96
C ASP C 109 44.12 -35.25 -14.30
N SER C 110 43.04 -35.13 -15.06
CA SER C 110 42.22 -36.30 -15.44
C SER C 110 41.37 -35.99 -16.66
N TYR C 111 40.71 -37.01 -17.20
CA TYR C 111 39.78 -36.84 -18.31
C TYR C 111 38.65 -37.85 -18.17
N TYR C 112 37.57 -37.58 -18.91
CA TYR C 112 36.46 -38.51 -19.02
C TYR C 112 35.57 -38.17 -20.20
N VAL C 113 34.80 -39.16 -20.65
CA VAL C 113 33.81 -39.02 -21.70
C VAL C 113 32.47 -39.60 -21.24
N THR C 114 31.37 -38.98 -21.68
CA THR C 114 30.04 -39.43 -21.27
C THR C 114 28.96 -39.43 -22.37
N ASN C 115 27.99 -40.33 -22.18
CA ASN C 115 26.69 -40.27 -22.80
C ASN C 115 25.75 -39.56 -21.86
N SER C 116 24.61 -39.19 -22.40
CA SER C 116 23.49 -38.79 -21.58
C SER C 116 22.20 -39.24 -22.25
N THR C 117 21.12 -39.19 -21.46
CA THR C 117 19.77 -39.47 -21.94
C THR C 117 18.79 -39.14 -20.82
N ASN C 118 17.50 -39.17 -21.16
CA ASN C 118 16.42 -39.11 -20.16
C ASN C 118 15.99 -40.51 -19.81
N ALA C 119 15.36 -40.64 -18.64
CA ALA C 119 14.82 -41.94 -18.22
C ALA C 119 13.65 -41.77 -17.27
N ILE C 120 12.70 -42.70 -17.36
CA ILE C 120 11.48 -42.66 -16.55
C ILE C 120 11.52 -43.61 -15.33
N LEU C 121 12.51 -44.50 -15.27
CA LEU C 121 12.98 -45.17 -14.02
C LEU C 121 11.95 -45.82 -13.04
N THR C 122 11.14 -46.77 -13.54
CA THR C 122 10.15 -47.47 -12.70
C THR C 122 10.79 -48.60 -11.87
N TYR C 123 10.46 -48.63 -10.57
CA TYR C 123 10.74 -49.80 -9.72
C TYR C 123 9.49 -50.21 -8.97
N GLN C 124 9.01 -51.43 -9.23
CA GLN C 124 7.88 -52.01 -8.49
C GLN C 124 6.63 -51.10 -8.69
N ASP C 125 6.22 -50.33 -7.67
CA ASP C 125 5.14 -49.33 -7.83
C ASP C 125 5.64 -47.86 -7.80
N LYS C 126 6.93 -47.66 -7.57
CA LYS C 126 7.51 -46.32 -7.48
C LYS C 126 7.94 -45.83 -8.87
N LYS C 127 8.20 -44.53 -8.98
CA LYS C 127 8.58 -43.92 -10.26
C LYS C 127 9.19 -42.52 -10.07
N VAL C 128 10.27 -42.25 -10.80
CA VAL C 128 10.82 -40.90 -10.96
C VAL C 128 11.01 -40.68 -12.46
N GLU C 129 10.09 -39.93 -13.10
CA GLU C 129 10.01 -39.90 -14.59
C GLU C 129 10.86 -38.85 -15.32
N ASN C 130 11.71 -38.11 -14.59
CA ASN C 130 12.73 -37.29 -15.23
C ASN C 130 14.01 -37.25 -14.40
N ALA C 131 14.78 -38.33 -14.57
CA ALA C 131 16.13 -38.42 -14.07
C ALA C 131 17.05 -38.39 -15.27
N ASN C 132 18.25 -37.84 -15.05
CA ASN C 132 19.25 -37.70 -16.10
C ASN C 132 20.30 -38.80 -16.01
N LEU C 133 20.13 -39.80 -16.87
CA LEU C 133 20.97 -40.99 -16.86
C LEU C 133 22.31 -40.71 -17.54
N THR C 134 23.40 -40.79 -16.76
CA THR C 134 24.76 -40.50 -17.23
C THR C 134 25.52 -41.77 -17.62
N GLY C 135 26.40 -41.64 -18.62
CA GLY C 135 27.12 -42.79 -19.19
C GLY C 135 28.61 -42.64 -19.02
N GLY C 136 29.15 -43.20 -17.94
CA GLY C 136 30.58 -43.06 -17.62
C GLY C 136 31.48 -43.96 -18.44
N ASN C 137 32.78 -43.78 -18.28
CA ASN C 137 33.80 -44.56 -18.99
C ASN C 137 34.98 -44.92 -18.09
N ARG C 138 34.70 -45.53 -16.95
CA ARG C 138 35.72 -46.07 -16.03
C ARG C 138 36.61 -44.98 -15.40
N THR C 139 37.11 -44.02 -16.18
CA THR C 139 37.69 -42.79 -15.61
C THR C 139 36.66 -41.83 -15.02
N TYR C 140 35.41 -41.87 -15.50
CA TYR C 140 34.40 -40.86 -15.11
C TYR C 140 34.15 -40.78 -13.61
N MET C 141 33.78 -41.91 -13.01
CA MET C 141 33.52 -41.98 -11.57
C MET C 141 34.64 -41.41 -10.69
N ASP C 142 35.87 -41.84 -10.99
CA ASP C 142 37.06 -41.34 -10.30
C ASP C 142 37.35 -39.86 -10.56
N ALA C 143 37.25 -39.46 -11.83
CA ALA C 143 37.56 -38.09 -12.25
C ALA C 143 36.69 -37.05 -11.56
N VAL C 144 35.39 -37.32 -11.48
CA VAL C 144 34.44 -36.39 -10.86
C VAL C 144 34.34 -36.54 -9.35
N LYS C 145 35.08 -37.50 -8.79
CA LYS C 145 35.22 -37.69 -7.34
C LYS C 145 33.89 -37.99 -6.62
N ASN C 146 33.15 -38.99 -7.12
CA ASN C 146 31.89 -39.43 -6.51
C ASN C 146 32.16 -40.43 -5.39
N GLU C 147 31.56 -40.19 -4.22
CA GLU C 147 31.82 -40.99 -3.02
C GLU C 147 30.80 -42.12 -2.86
N ILE C 148 31.28 -43.36 -2.96
CA ILE C 148 30.45 -44.57 -2.86
C ILE C 148 30.05 -44.84 -1.41
N ILE C 149 28.75 -44.84 -1.13
CA ILE C 149 28.22 -45.03 0.23
C ILE C 149 27.64 -46.42 0.48
N ALA C 150 27.07 -47.03 -0.55
CA ALA C 150 26.59 -48.41 -0.48
C ALA C 150 27.10 -49.13 -1.72
N GLY C 151 27.33 -50.43 -1.59
CA GLY C 151 27.74 -51.24 -2.74
C GLY C 151 29.05 -50.78 -3.37
N ARG C 152 29.13 -50.90 -4.70
CA ARG C 152 30.37 -50.72 -5.45
C ARG C 152 30.21 -49.70 -6.57
N SER C 153 31.33 -49.06 -6.93
CA SER C 153 31.40 -48.26 -8.15
C SER C 153 31.48 -49.17 -9.39
N LEU C 154 31.33 -48.59 -10.57
CA LEU C 154 31.53 -49.30 -11.84
C LEU C 154 32.90 -49.93 -11.84
N ARG C 155 33.00 -51.17 -12.27
CA ARG C 155 34.30 -51.86 -12.41
C ARG C 155 34.62 -52.19 -13.88
N GLU C 156 35.84 -52.71 -14.11
CA GLU C 156 36.33 -53.07 -15.45
C GLU C 156 35.52 -54.19 -16.12
N GLN C 157 35.09 -55.17 -15.32
CA GLN C 157 34.21 -56.25 -15.77
C GLN C 157 32.92 -55.74 -16.47
N ASP C 158 32.28 -54.74 -15.84
CA ASP C 158 31.01 -54.14 -16.33
C ASP C 158 31.09 -53.55 -17.73
N PHE C 159 32.29 -53.13 -18.15
CA PHE C 159 32.52 -52.65 -19.51
C PHE C 159 32.73 -53.79 -20.51
N LYS C 160 33.50 -54.80 -20.11
CA LYS C 160 33.85 -55.91 -21.00
C LYS C 160 32.71 -56.92 -21.13
N GLU C 161 31.78 -56.92 -20.18
CA GLU C 161 30.56 -57.76 -20.24
C GLU C 161 29.32 -57.03 -20.79
N PHE C 162 29.46 -55.75 -21.17
CA PHE C 162 28.36 -54.93 -21.66
C PHE C 162 27.18 -54.91 -20.69
N ALA C 163 27.48 -54.85 -19.40
CA ALA C 163 26.50 -55.05 -18.34
C ALA C 163 25.58 -53.84 -18.16
N SER C 164 24.28 -54.13 -18.00
CA SER C 164 23.28 -53.10 -17.72
C SER C 164 23.23 -52.83 -16.21
N VAL C 165 24.31 -52.26 -15.69
CA VAL C 165 24.43 -51.99 -14.26
C VAL C 165 24.24 -50.49 -14.03
N ILE C 166 23.70 -50.15 -12.87
CA ILE C 166 23.27 -48.78 -12.57
C ILE C 166 23.73 -48.38 -11.16
N LEU C 167 24.27 -47.17 -11.03
CA LEU C 167 24.42 -46.53 -9.72
C LEU C 167 23.32 -45.48 -9.58
N LEU C 168 22.86 -45.28 -8.35
CA LEU C 168 21.88 -44.26 -8.02
C LEU C 168 22.51 -43.26 -7.04
N ASP C 169 22.11 -42.00 -7.14
CA ASP C 169 22.53 -40.98 -6.15
C ASP C 169 21.75 -41.15 -4.83
N GLU C 170 22.33 -40.68 -3.72
CA GLU C 170 21.79 -40.96 -2.36
C GLU C 170 20.26 -40.83 -2.22
N GLU C 171 19.70 -39.75 -2.73
CA GLU C 171 18.28 -39.40 -2.52
C GLU C 171 17.36 -39.98 -3.59
N LEU C 172 17.95 -40.51 -4.66
CA LEU C 172 17.21 -41.31 -5.62
C LEU C 172 17.00 -42.71 -5.06
N SER C 173 18.04 -43.25 -4.41
CA SER C 173 17.97 -44.54 -3.72
C SER C 173 16.97 -44.51 -2.56
N ILE C 174 16.98 -43.41 -1.81
CA ILE C 174 16.04 -43.20 -0.71
C ILE C 174 14.60 -43.10 -1.23
N SER C 175 14.40 -42.35 -2.30
CA SER C 175 13.07 -42.23 -2.92
C SER C 175 12.54 -43.54 -3.49
N LEU C 176 13.43 -44.33 -4.09
CA LEU C 176 13.07 -45.53 -4.83
C LEU C 176 13.13 -46.82 -3.98
N PHE C 177 14.04 -46.86 -2.99
CA PHE C 177 14.30 -48.07 -2.19
C PHE C 177 14.38 -47.83 -0.67
N GLU C 178 13.87 -46.70 -0.17
CA GLU C 178 13.89 -46.35 1.27
C GLU C 178 15.27 -46.06 1.88
N SER C 179 16.35 -46.53 1.24
CA SER C 179 17.66 -46.57 1.87
C SER C 179 18.71 -46.89 0.81
N PRO C 180 19.88 -46.21 0.86
CA PRO C 180 21.00 -46.60 -0.01
C PRO C 180 21.44 -48.06 0.17
N GLN C 181 21.37 -48.56 1.40
CA GLN C 181 21.74 -49.95 1.71
C GLN C 181 20.74 -50.90 1.04
N GLU C 182 19.45 -50.63 1.27
CA GLU C 182 18.35 -51.42 0.69
C GLU C 182 18.32 -51.40 -0.84
N ALA C 183 18.82 -50.33 -1.43
CA ALA C 183 18.82 -50.17 -2.88
C ALA C 183 19.74 -51.14 -3.63
N ILE C 184 20.75 -51.66 -2.95
CA ILE C 184 21.79 -52.49 -3.58
C ILE C 184 21.23 -53.83 -4.08
N ASN C 185 21.63 -54.18 -5.31
CA ASN C 185 21.25 -55.44 -5.96
C ASN C 185 19.73 -55.58 -6.15
N LYS C 186 19.06 -54.46 -6.45
CA LYS C 186 17.67 -54.45 -6.89
C LYS C 186 17.62 -54.19 -8.40
N VAL C 187 16.66 -54.80 -9.10
CA VAL C 187 16.42 -54.46 -10.50
C VAL C 187 15.48 -53.27 -10.60
N VAL C 188 15.91 -52.26 -11.36
CA VAL C 188 15.11 -51.09 -11.63
C VAL C 188 14.97 -50.98 -13.14
N GLU C 189 13.73 -50.90 -13.64
CA GLU C 189 13.47 -50.69 -15.06
C GLU C 189 13.79 -49.24 -15.37
N VAL C 190 14.66 -49.01 -16.36
CA VAL C 190 15.16 -47.68 -16.70
C VAL C 190 14.21 -47.01 -17.72
N ASN C 191 14.25 -47.47 -18.97
CA ASN C 191 13.28 -47.06 -19.99
C ASN C 191 12.71 -48.31 -20.59
N GLY C 192 12.11 -49.12 -19.71
CA GLY C 192 11.67 -50.49 -20.05
C GLY C 192 12.83 -51.45 -20.25
N PHE C 193 14.00 -51.10 -19.69
CA PHE C 193 15.23 -51.87 -19.81
C PHE C 193 15.69 -52.17 -18.39
N SER C 194 15.88 -53.45 -18.08
CA SER C 194 16.22 -53.89 -16.72
C SER C 194 17.68 -53.56 -16.40
N TYR C 195 17.90 -52.84 -15.29
CA TYR C 195 19.25 -52.54 -14.78
C TYR C 195 19.40 -53.01 -13.33
N ARG C 196 20.58 -53.51 -12.99
CA ARG C 196 20.90 -54.01 -11.64
C ARG C 196 21.66 -52.94 -10.87
N VAL C 197 21.17 -52.59 -9.68
CA VAL C 197 21.77 -51.52 -8.88
C VAL C 197 23.05 -52.01 -8.19
N ILE C 198 24.20 -51.45 -8.56
CA ILE C 198 25.48 -51.89 -8.02
C ILE C 198 25.96 -51.05 -6.84
N GLY C 199 25.69 -49.75 -6.89
CA GLY C 199 26.12 -48.86 -5.84
C GLY C 199 25.18 -47.69 -5.69
N VAL C 200 25.35 -47.00 -4.57
CA VAL C 200 24.74 -45.71 -4.34
C VAL C 200 25.88 -44.77 -4.01
N TYR C 201 25.87 -43.61 -4.67
CA TYR C 201 26.88 -42.57 -4.49
C TYR C 201 26.24 -41.31 -3.96
N THR C 202 27.10 -40.37 -3.59
CA THR C 202 26.68 -39.02 -3.31
C THR C 202 27.87 -38.09 -3.47
N SER C 203 27.55 -36.83 -3.76
CA SER C 203 28.55 -35.78 -3.93
C SER C 203 27.93 -34.49 -3.41
N PRO C 204 28.72 -33.40 -3.44
CA PRO C 204 28.12 -32.08 -3.25
C PRO C 204 27.07 -31.79 -4.34
N GLU C 205 27.44 -32.01 -5.60
CA GLU C 205 26.59 -31.64 -6.74
C GLU C 205 25.27 -32.41 -6.74
N ALA C 206 25.30 -33.70 -6.40
CA ALA C 206 24.10 -34.53 -6.38
C ALA C 206 23.11 -34.07 -5.32
N LYS C 207 23.61 -33.76 -4.12
CA LYS C 207 22.78 -33.26 -3.03
C LYS C 207 21.92 -32.04 -3.43
N ARG C 208 22.54 -31.11 -4.16
CA ARG C 208 21.94 -29.81 -4.50
C ARG C 208 21.31 -29.74 -5.90
N SER C 209 21.29 -30.84 -6.65
CA SER C 209 20.87 -30.84 -8.06
C SER C 209 19.35 -30.99 -8.30
N LYS C 210 18.56 -30.76 -7.25
CA LYS C 210 17.11 -30.67 -7.40
C LYS C 210 16.73 -29.35 -8.08
N ILE C 211 17.50 -28.28 -7.81
CA ILE C 211 17.23 -26.95 -8.39
C ILE C 211 17.28 -26.91 -9.92
N TYR C 212 18.12 -27.74 -10.52
CA TYR C 212 18.22 -27.82 -11.98
C TYR C 212 17.06 -28.63 -12.60
N GLY C 213 16.15 -29.14 -11.76
CA GLY C 213 14.91 -29.75 -12.21
C GLY C 213 15.07 -31.23 -12.55
N PHE C 214 15.80 -31.95 -11.71
CA PHE C 214 16.13 -33.34 -11.95
C PHE C 214 15.63 -34.22 -10.81
N GLY C 215 14.92 -35.28 -11.17
CA GLY C 215 14.45 -36.28 -10.22
C GLY C 215 15.54 -37.22 -9.74
N GLY C 216 16.63 -37.33 -10.52
CA GLY C 216 17.76 -38.16 -10.13
C GLY C 216 18.93 -38.07 -11.10
N LEU C 217 20.08 -38.58 -10.64
CA LEU C 217 21.32 -38.59 -11.42
C LEU C 217 21.93 -39.99 -11.41
N PRO C 218 21.23 -40.96 -12.03
CA PRO C 218 21.77 -42.31 -12.08
C PRO C 218 22.91 -42.40 -13.08
N ILE C 219 23.90 -43.25 -12.78
CA ILE C 219 25.07 -43.39 -13.63
C ILE C 219 25.22 -44.86 -14.04
N THR C 220 25.50 -45.06 -15.32
CA THR C 220 25.80 -46.39 -15.89
C THR C 220 26.95 -46.26 -16.89
N THR C 221 27.35 -47.36 -17.51
CA THR C 221 28.43 -47.33 -18.51
C THR C 221 27.90 -46.64 -19.76
N ASN C 222 28.74 -45.84 -20.42
CA ASN C 222 28.40 -45.24 -21.71
C ASN C 222 28.04 -46.32 -22.74
N ILE C 223 28.78 -47.43 -22.73
CA ILE C 223 28.49 -48.55 -23.65
C ILE C 223 27.15 -49.25 -23.41
N SER C 224 26.56 -49.11 -22.23
CA SER C 224 25.20 -49.59 -22.01
C SER C 224 24.22 -48.59 -22.63
N LEU C 225 24.30 -47.31 -22.25
CA LEU C 225 23.49 -46.27 -22.94
C LEU C 225 23.57 -46.37 -24.45
N ALA C 226 24.78 -46.52 -24.97
CA ALA C 226 24.99 -46.59 -26.41
C ALA C 226 24.41 -47.82 -27.09
N ALA C 227 24.24 -48.92 -26.35
CA ALA C 227 23.74 -50.17 -26.88
C ALA C 227 22.24 -50.36 -26.65
N ASN C 228 21.74 -50.00 -25.46
CA ASN C 228 20.30 -50.12 -25.16
C ASN C 228 19.53 -49.10 -25.98
N PHE C 229 19.83 -47.83 -25.76
CA PHE C 229 19.25 -46.75 -26.54
C PHE C 229 20.19 -46.62 -27.73
N ASN C 230 19.70 -46.07 -28.84
CA ASN C 230 20.51 -46.09 -30.07
C ASN C 230 21.80 -45.27 -29.98
N ILE C 231 21.79 -44.19 -29.18
CA ILE C 231 22.85 -43.15 -29.17
C ILE C 231 24.29 -43.67 -29.20
N ASP C 232 25.19 -42.94 -29.87
CA ASP C 232 26.60 -43.34 -29.93
C ASP C 232 27.29 -42.93 -28.63
N GLU C 233 28.48 -43.50 -28.41
CA GLU C 233 29.02 -43.69 -27.04
C GLU C 233 29.84 -42.55 -26.42
N ILE C 234 30.16 -41.52 -27.20
CA ILE C 234 30.77 -40.30 -26.66
C ILE C 234 29.97 -39.12 -27.16
N ALA C 235 29.69 -38.17 -26.25
CA ALA C 235 29.00 -36.94 -26.59
C ALA C 235 29.78 -35.75 -26.05
N SER C 236 29.90 -35.67 -24.73
CA SER C 236 30.75 -34.67 -24.10
C SER C 236 32.13 -35.30 -23.84
N ILE C 237 33.18 -34.55 -24.19
CA ILE C 237 34.58 -34.90 -23.89
C ILE C 237 35.10 -33.83 -22.91
N VAL C 238 35.61 -34.26 -21.76
CA VAL C 238 36.04 -33.33 -20.70
C VAL C 238 37.47 -33.62 -20.23
N PHE C 239 38.22 -32.55 -19.96
CA PHE C 239 39.53 -32.61 -19.31
C PHE C 239 39.49 -31.78 -18.04
N ARG C 240 39.94 -32.35 -16.92
CA ARG C 240 40.05 -31.62 -15.66
C ARG C 240 41.46 -31.08 -15.51
N VAL C 241 41.55 -29.79 -15.21
CA VAL C 241 42.81 -29.07 -15.13
C VAL C 241 42.73 -28.31 -13.83
N ASN C 242 43.30 -28.88 -12.76
CA ASN C 242 43.08 -28.35 -11.41
C ASN C 242 43.70 -26.96 -11.16
N ASP C 243 44.76 -26.60 -11.89
CA ASP C 243 45.28 -25.22 -11.89
C ASP C 243 44.58 -24.39 -12.98
N THR C 244 43.55 -23.63 -12.57
CA THR C 244 42.58 -23.04 -13.51
C THR C 244 43.15 -21.95 -14.41
N SER C 245 44.27 -21.36 -14.01
CA SER C 245 44.95 -20.34 -14.82
C SER C 245 45.52 -20.86 -16.14
N LEU C 246 45.63 -22.19 -16.29
CA LEU C 246 46.11 -22.80 -17.52
C LEU C 246 45.05 -22.94 -18.62
N THR C 247 43.77 -22.84 -18.25
CA THR C 247 42.66 -23.17 -19.16
C THR C 247 42.58 -22.33 -20.44
N PRO C 248 42.95 -21.02 -20.39
CA PRO C 248 42.92 -20.28 -21.66
C PRO C 248 43.90 -20.78 -22.73
N THR C 249 44.98 -21.45 -22.29
CA THR C 249 46.01 -22.02 -23.16
C THR C 249 45.87 -23.52 -23.38
N LEU C 250 45.74 -24.28 -22.28
CA LEU C 250 45.57 -25.74 -22.35
C LEU C 250 44.29 -26.17 -23.08
N GLY C 251 43.21 -25.41 -22.89
CA GLY C 251 41.94 -25.68 -23.55
C GLY C 251 42.05 -25.81 -25.06
N PRO C 252 42.37 -24.70 -25.77
CA PRO C 252 42.53 -24.77 -27.23
C PRO C 252 43.64 -25.72 -27.70
N GLU C 253 44.66 -25.92 -26.86
CA GLU C 253 45.72 -26.91 -27.11
C GLU C 253 45.16 -28.33 -27.10
N LEU C 254 44.31 -28.66 -26.11
CA LEU C 254 43.66 -29.98 -26.05
C LEU C 254 42.73 -30.20 -27.24
N ALA C 255 42.11 -29.12 -27.72
CA ALA C 255 41.29 -29.17 -28.92
C ALA C 255 42.14 -29.38 -30.18
N ARG C 256 43.25 -28.64 -30.31
CA ARG C 256 44.22 -28.84 -31.40
C ARG C 256 44.73 -30.27 -31.37
N LYS C 257 45.19 -30.70 -30.21
CA LYS C 257 45.73 -32.05 -30.02
C LYS C 257 44.70 -33.11 -30.39
N MET C 258 43.42 -32.82 -30.12
CA MET C 258 42.35 -33.71 -30.52
C MET C 258 42.27 -33.85 -32.03
N THR C 259 42.42 -32.73 -32.75
CA THR C 259 42.35 -32.75 -34.21
C THR C 259 43.62 -33.36 -34.86
N GLU C 260 44.77 -33.16 -34.25
CA GLU C 260 46.01 -33.84 -34.68
C GLU C 260 45.92 -35.38 -34.54
N LEU C 261 45.16 -35.85 -33.55
CA LEU C 261 44.97 -37.30 -33.33
C LEU C 261 43.78 -37.85 -34.09
N ALA C 262 42.68 -37.10 -34.11
CA ALA C 262 41.48 -37.51 -34.84
C ALA C 262 41.69 -37.62 -36.34
N GLY C 263 42.76 -37.00 -36.86
CA GLY C 263 42.98 -36.89 -38.29
C GLY C 263 42.18 -35.71 -38.78
N LEU C 264 42.73 -34.97 -39.74
CA LEU C 264 42.05 -33.81 -40.27
C LEU C 264 40.83 -34.30 -41.07
N GLN C 265 39.73 -34.51 -40.35
CA GLN C 265 38.45 -34.95 -40.92
C GLN C 265 37.61 -33.76 -41.44
N GLN C 266 38.22 -32.57 -41.53
CA GLN C 266 37.58 -31.34 -42.04
C GLN C 266 36.39 -30.92 -41.18
N GLY C 267 36.73 -30.43 -39.99
CA GLY C 267 35.76 -29.93 -39.02
C GLY C 267 36.45 -29.08 -37.97
N GLU C 268 37.36 -29.72 -37.22
CA GLU C 268 38.15 -29.12 -36.13
C GLU C 268 37.42 -29.16 -34.78
N TYR C 269 38.11 -29.68 -33.76
CA TYR C 269 37.59 -29.69 -32.38
C TYR C 269 37.77 -28.32 -31.74
N GLN C 270 36.77 -27.86 -30.99
CA GLN C 270 36.81 -26.54 -30.35
C GLN C 270 36.42 -26.63 -28.88
N VAL C 271 36.80 -25.62 -28.10
CA VAL C 271 36.48 -25.59 -26.68
C VAL C 271 35.06 -25.07 -26.52
N ALA C 272 34.22 -25.85 -25.84
CA ALA C 272 32.85 -25.43 -25.53
C ALA C 272 32.89 -24.40 -24.39
N ASP C 273 32.14 -23.30 -24.56
CA ASP C 273 32.06 -22.28 -23.52
C ASP C 273 31.05 -22.73 -22.48
N GLU C 274 31.52 -22.84 -21.23
CA GLU C 274 30.71 -23.36 -20.13
C GLU C 274 29.64 -22.35 -19.72
N SER C 275 30.01 -21.07 -19.69
CA SER C 275 29.16 -20.01 -19.15
C SER C 275 27.88 -19.70 -19.96
N VAL C 276 27.87 -19.98 -21.26
CA VAL C 276 26.70 -19.64 -22.11
C VAL C 276 25.48 -20.55 -21.88
N VAL C 277 25.66 -21.68 -21.19
CA VAL C 277 24.55 -22.54 -20.75
C VAL C 277 24.21 -22.38 -19.25
N PHE C 278 25.21 -21.99 -18.43
CA PHE C 278 24.94 -21.66 -17.02
C PHE C 278 24.22 -20.33 -16.91
N ALA C 279 24.77 -19.30 -17.55
CA ALA C 279 24.14 -17.98 -17.58
C ALA C 279 22.74 -18.01 -18.26
N GLU C 280 22.52 -19.01 -19.12
CA GLU C 280 21.20 -19.27 -19.71
C GLU C 280 20.15 -19.73 -18.68
N ILE C 281 20.58 -20.38 -17.59
CA ILE C 281 19.69 -20.70 -16.46
C ILE C 281 19.86 -19.72 -15.28
N GLN C 282 20.98 -19.00 -15.23
CA GLN C 282 21.20 -17.99 -14.19
C GLN C 282 20.21 -16.83 -14.30
N GLN C 283 20.06 -16.28 -15.51
CA GLN C 283 19.13 -15.16 -15.77
C GLN C 283 17.76 -15.63 -16.32
N SER C 284 17.40 -16.87 -16.00
CA SER C 284 16.01 -17.32 -16.04
C SER C 284 15.43 -17.35 -14.62
N PHE C 285 16.26 -17.74 -13.66
CA PHE C 285 15.96 -17.56 -12.23
C PHE C 285 15.82 -16.09 -11.86
N SER C 286 16.63 -15.24 -12.50
CA SER C 286 16.65 -13.80 -12.21
C SER C 286 15.36 -13.12 -12.67
N PHE C 287 15.00 -13.37 -13.93
CA PHE C 287 13.70 -12.95 -14.49
C PHE C 287 12.56 -13.28 -13.54
N MET C 288 12.43 -14.54 -13.16
CA MET C 288 11.30 -14.99 -12.36
C MET C 288 11.33 -14.53 -10.90
N THR C 289 12.52 -14.19 -10.40
CA THR C 289 12.65 -13.48 -9.11
C THR C 289 12.03 -12.09 -9.25
N THR C 290 12.45 -11.37 -10.28
CA THR C 290 11.96 -10.02 -10.58
C THR C 290 10.43 -9.93 -10.69
N ILE C 291 9.80 -10.91 -11.33
CA ILE C 291 8.34 -10.88 -11.52
C ILE C 291 7.62 -11.01 -10.16
N ILE C 292 8.07 -11.93 -9.32
CA ILE C 292 7.48 -12.10 -7.99
C ILE C 292 7.92 -10.96 -7.05
N SER C 293 9.19 -10.57 -7.10
CA SER C 293 9.69 -9.40 -6.35
C SER C 293 8.95 -8.11 -6.68
N SER C 294 8.57 -7.94 -7.95
CA SER C 294 7.74 -6.80 -8.36
C SER C 294 6.36 -6.85 -7.73
N ILE C 295 5.71 -8.01 -7.75
CA ILE C 295 4.37 -8.15 -7.18
C ILE C 295 4.40 -7.79 -5.68
N ALA C 296 5.45 -8.23 -4.97
CA ALA C 296 5.67 -7.82 -3.59
C ALA C 296 5.94 -6.31 -3.50
N GLY C 297 6.72 -5.79 -4.43
CA GLY C 297 6.98 -4.35 -4.52
C GLY C 297 5.76 -3.47 -4.65
N ILE C 298 4.67 -3.99 -5.23
CA ILE C 298 3.40 -3.26 -5.33
C ILE C 298 2.97 -2.87 -3.92
N SER C 299 3.18 -3.76 -2.95
CA SER C 299 2.93 -3.47 -1.54
C SER C 299 3.76 -2.31 -1.01
N LEU C 300 5.05 -2.29 -1.33
CA LEU C 300 5.91 -1.15 -0.95
C LEU C 300 5.48 0.13 -1.65
N PHE C 301 5.02 0.02 -2.89
CA PHE C 301 4.50 1.18 -3.62
C PHE C 301 3.23 1.74 -2.98
N VAL C 302 2.30 0.85 -2.61
CA VAL C 302 1.10 1.27 -1.87
C VAL C 302 1.54 1.89 -0.56
N GLY C 303 2.43 1.20 0.16
CA GLY C 303 3.05 1.76 1.37
C GLY C 303 3.55 3.18 1.18
N GLY C 304 4.23 3.40 0.05
CA GLY C 304 4.71 4.72 -0.37
C GLY C 304 3.64 5.78 -0.54
N THR C 305 2.53 5.43 -1.16
CA THR C 305 1.42 6.39 -1.35
C THR C 305 0.80 6.70 0.00
N GLY C 306 0.83 5.72 0.91
CA GLY C 306 0.39 5.90 2.28
C GLY C 306 1.23 6.92 3.04
N VAL C 307 2.54 6.84 2.91
CA VAL C 307 3.41 7.78 3.63
C VAL C 307 3.31 9.20 3.07
N MET C 308 3.13 9.31 1.75
CA MET C 308 2.84 10.61 1.11
C MET C 308 1.56 11.25 1.65
N ASN C 309 0.51 10.46 1.74
CA ASN C 309 -0.83 10.93 2.13
C ASN C 309 -0.86 11.45 3.58
N ILE C 310 -0.29 10.68 4.51
CA ILE C 310 -0.21 11.09 5.92
C ILE C 310 0.68 12.31 6.08
N MET C 311 1.70 12.42 5.26
CA MET C 311 2.54 13.62 5.25
C MET C 311 1.73 14.85 4.85
N LEU C 312 0.84 14.68 3.87
CA LEU C 312 -0.07 15.74 3.44
C LEU C 312 -1.10 16.12 4.48
N VAL C 313 -1.58 15.17 5.30
CA VAL C 313 -2.48 15.57 6.39
C VAL C 313 -1.68 16.36 7.43
N SER C 314 -0.44 15.97 7.68
CA SER C 314 0.42 16.72 8.61
C SER C 314 0.83 18.13 8.12
N VAL C 315 0.64 18.43 6.83
CA VAL C 315 0.77 19.82 6.35
C VAL C 315 -0.46 20.63 6.73
N THR C 316 -1.65 20.13 6.44
CA THR C 316 -2.88 20.88 6.72
C THR C 316 -3.12 20.93 8.24
N GLU C 317 -2.84 19.82 8.93
CA GLU C 317 -2.79 19.78 10.41
C GLU C 317 -1.91 20.91 10.98
N ARG C 318 -0.79 21.20 10.32
CA ARG C 318 0.21 22.16 10.81
C ARG C 318 0.38 23.43 9.95
N THR C 319 -0.66 23.81 9.19
CA THR C 319 -0.62 25.03 8.36
C THR C 319 -0.38 26.28 9.23
N ARG C 320 -1.10 26.39 10.34
CA ARG C 320 -0.90 27.48 11.29
C ARG C 320 0.48 27.43 11.96
N GLU C 321 0.89 26.22 12.36
CA GLU C 321 2.22 25.97 12.94
C GLU C 321 3.36 26.42 12.02
N ILE C 322 3.27 26.09 10.73
CA ILE C 322 4.27 26.54 9.75
C ILE C 322 4.28 28.06 9.67
N GLY C 323 3.09 28.65 9.59
CA GLY C 323 2.94 30.10 9.53
C GLY C 323 3.54 30.80 10.73
N LEU C 324 3.28 30.25 11.91
CA LEU C 324 3.86 30.73 13.15
C LEU C 324 5.38 30.57 13.13
N ARG C 325 5.86 29.41 12.69
CA ARG C 325 7.30 29.13 12.58
C ARG C 325 8.03 30.14 11.69
N LYS C 326 7.38 30.51 10.59
CA LYS C 326 7.93 31.48 9.65
C LYS C 326 7.90 32.91 10.21
N ALA C 327 6.85 33.26 10.94
CA ALA C 327 6.84 34.51 11.71
C ALA C 327 8.00 34.60 12.70
N LEU C 328 8.32 33.47 13.34
CA LEU C 328 9.44 33.35 14.29
C LEU C 328 10.83 33.27 13.65
N GLY C 329 10.91 32.94 12.36
CA GLY C 329 12.18 32.92 11.63
C GLY C 329 12.53 31.65 10.88
N ALA C 330 11.56 30.78 10.63
CA ALA C 330 11.77 29.62 9.78
C ALA C 330 11.79 30.08 8.34
N THR C 331 12.77 29.59 7.58
CA THR C 331 12.85 29.85 6.13
C THR C 331 12.13 28.74 5.35
N ARG C 332 11.65 29.07 4.14
CA ARG C 332 11.09 28.10 3.20
C ARG C 332 11.97 26.85 3.10
N ALA C 333 13.27 27.07 2.92
CA ALA C 333 14.29 26.01 2.85
C ALA C 333 14.32 25.10 4.08
N ASN C 334 14.28 25.71 5.27
CA ASN C 334 14.20 24.97 6.53
C ASN C 334 13.01 24.02 6.51
N ILE C 335 11.83 24.56 6.19
CA ILE C 335 10.59 23.76 6.23
C ILE C 335 10.69 22.64 5.20
N LEU C 336 11.16 22.96 4.00
CA LEU C 336 11.32 21.99 2.92
C LEU C 336 12.17 20.79 3.33
N ILE C 337 13.33 21.03 3.94
CA ILE C 337 14.18 19.90 4.36
C ILE C 337 13.69 19.25 5.65
N GLN C 338 12.94 19.97 6.48
CA GLN C 338 12.35 19.40 7.71
C GLN C 338 11.32 18.31 7.38
N PHE C 339 10.42 18.62 6.45
CA PHE C 339 9.38 17.67 6.02
C PHE C 339 9.91 16.54 5.12
N LEU C 340 11.00 16.80 4.40
CA LEU C 340 11.76 15.72 3.74
C LEU C 340 12.29 14.76 4.80
N ILE C 341 13.14 15.27 5.69
CA ILE C 341 13.77 14.48 6.76
C ILE C 341 12.74 13.67 7.54
N GLU C 342 11.58 14.25 7.79
CA GLU C 342 10.50 13.60 8.54
C GLU C 342 9.96 12.34 7.84
N SER C 343 9.78 12.41 6.52
CA SER C 343 9.32 11.26 5.75
C SER C 343 10.44 10.22 5.56
N MET C 344 11.69 10.69 5.48
CA MET C 344 12.84 9.80 5.35
C MET C 344 13.06 8.96 6.61
N ILE C 345 12.91 9.59 7.78
CA ILE C 345 12.98 8.90 9.07
C ILE C 345 11.93 7.78 9.16
N LEU C 346 10.74 8.01 8.59
CA LEU C 346 9.71 6.97 8.55
C LEU C 346 10.08 5.79 7.68
N THR C 347 10.46 6.06 6.43
CA THR C 347 10.74 4.99 5.46
C THR C 347 12.09 4.28 5.66
N LEU C 348 13.09 4.94 6.26
CA LEU C 348 14.36 4.26 6.56
C LEU C 348 14.20 3.36 7.78
N LEU C 349 13.81 3.94 8.90
CA LEU C 349 13.50 3.18 10.11
C LEU C 349 12.51 2.05 9.79
N GLY C 350 11.62 2.32 8.84
CA GLY C 350 10.74 1.32 8.29
C GLY C 350 11.46 0.25 7.52
N GLY C 351 12.27 0.64 6.54
CA GLY C 351 13.02 -0.30 5.72
C GLY C 351 14.30 -0.77 6.38
N LEU C 352 14.18 -1.21 7.62
CA LEU C 352 15.31 -1.57 8.46
C LEU C 352 14.79 -2.50 9.53
N ILE C 353 13.73 -2.05 10.22
CA ILE C 353 12.80 -2.94 10.93
C ILE C 353 12.34 -4.03 9.94
N GLY C 354 11.89 -3.60 8.76
CA GLY C 354 11.54 -4.49 7.64
C GLY C 354 12.66 -5.36 7.13
N LEU C 355 13.81 -4.76 6.87
CA LEU C 355 14.99 -5.49 6.41
C LEU C 355 15.39 -6.58 7.41
N THR C 356 15.31 -6.26 8.69
CA THR C 356 15.59 -7.21 9.76
C THR C 356 14.59 -8.36 9.76
N ILE C 357 13.31 -8.05 9.98
CA ILE C 357 12.25 -9.09 10.00
C ILE C 357 12.29 -9.97 8.73
N ALA C 358 12.70 -9.41 7.59
CA ALA C 358 12.97 -10.23 6.39
C ALA C 358 14.14 -11.16 6.61
N SER C 359 15.26 -10.60 7.04
CA SER C 359 16.48 -11.36 7.28
C SER C 359 16.22 -12.54 8.22
N GLY C 360 15.36 -12.31 9.21
CA GLY C 360 14.88 -13.36 10.09
C GLY C 360 14.19 -14.47 9.33
N LEU C 361 12.96 -14.21 8.87
CA LEU C 361 12.16 -15.16 8.09
C LEU C 361 12.96 -15.90 7.01
N THR C 362 13.86 -15.18 6.34
CA THR C 362 14.74 -15.79 5.36
C THR C 362 15.63 -16.86 5.99
N ALA C 363 16.25 -16.56 7.13
CA ALA C 363 17.10 -17.52 7.85
C ALA C 363 16.32 -18.77 8.32
N LEU C 364 15.09 -18.59 8.81
CA LEU C 364 14.23 -19.71 9.19
C LEU C 364 13.56 -20.39 7.98
N ALA C 365 13.42 -19.69 6.86
CA ALA C 365 13.06 -20.32 5.59
C ALA C 365 14.20 -21.23 5.08
N GLY C 366 15.44 -20.87 5.41
CA GLY C 366 16.61 -21.69 5.10
C GLY C 366 16.79 -22.88 6.02
N LEU C 367 16.63 -22.66 7.33
CA LEU C 367 16.64 -23.75 8.33
C LEU C 367 15.32 -24.54 8.26
N LEU C 368 15.05 -25.06 7.07
CA LEU C 368 13.72 -25.58 6.65
C LEU C 368 13.84 -26.13 5.23
N LEU C 369 14.40 -25.35 4.32
CA LEU C 369 14.79 -25.82 2.97
C LEU C 369 15.89 -26.91 2.98
N GLN C 370 16.38 -27.29 4.17
CA GLN C 370 17.37 -28.36 4.34
C GLN C 370 16.87 -29.73 3.89
N GLY C 371 15.55 -29.94 3.93
CA GLY C 371 14.91 -31.13 3.35
C GLY C 371 14.60 -30.93 1.87
N LEU C 372 15.65 -30.71 1.08
CA LEU C 372 15.58 -30.34 -0.36
C LEU C 372 16.95 -29.88 -0.89
N ILE C 373 17.64 -29.06 -0.10
CA ILE C 373 18.89 -28.41 -0.48
C ILE C 373 19.91 -28.47 0.67
N GLU C 374 21.17 -28.70 0.33
CA GLU C 374 22.28 -28.65 1.28
C GLU C 374 23.12 -27.41 0.95
N GLY C 375 22.54 -26.22 1.09
CA GLY C 375 23.14 -25.01 0.54
C GLY C 375 22.75 -23.70 1.19
N ILE C 376 23.76 -22.84 1.39
CA ILE C 376 23.65 -21.63 2.21
C ILE C 376 22.59 -20.70 1.63
N GLU C 377 21.49 -20.55 2.37
CA GLU C 377 20.42 -19.62 2.04
C GLU C 377 20.03 -18.88 3.31
N VAL C 378 20.66 -17.72 3.52
CA VAL C 378 20.32 -16.81 4.63
C VAL C 378 19.83 -15.42 4.12
N GLY C 379 20.09 -15.08 2.84
CA GLY C 379 19.66 -13.79 2.26
C GLY C 379 20.22 -12.56 2.95
N VAL C 380 21.42 -12.72 3.50
CA VAL C 380 22.16 -11.63 4.14
C VAL C 380 22.60 -10.66 3.02
N SER C 381 22.75 -11.19 1.80
CA SER C 381 23.47 -10.55 0.70
C SER C 381 23.59 -9.03 0.84
N ILE C 382 24.77 -8.60 1.26
CA ILE C 382 25.11 -7.18 1.36
C ILE C 382 24.54 -6.35 0.21
N PRO C 383 24.68 -6.83 -1.05
CA PRO C 383 24.05 -6.13 -2.17
C PRO C 383 22.53 -5.96 -2.06
N VAL C 384 21.81 -6.96 -1.55
CA VAL C 384 20.35 -6.82 -1.37
C VAL C 384 20.01 -6.04 -0.09
N ALA C 385 20.80 -6.23 0.96
CA ALA C 385 20.63 -5.46 2.20
C ALA C 385 20.75 -3.97 1.90
N LEU C 386 21.87 -3.59 1.28
CA LEU C 386 22.14 -2.20 0.92
C LEU C 386 21.11 -1.66 -0.08
N PHE C 387 20.71 -2.51 -1.03
CA PHE C 387 19.65 -2.16 -1.98
C PHE C 387 18.30 -1.92 -1.30
N SER C 388 18.00 -2.68 -0.25
CA SER C 388 16.75 -2.46 0.51
C SER C 388 16.74 -1.05 1.10
N LEU C 389 17.84 -0.67 1.76
CA LEU C 389 18.00 0.66 2.36
C LEU C 389 17.98 1.76 1.29
N ALA C 390 18.67 1.50 0.18
CA ALA C 390 18.69 2.40 -0.98
C ALA C 390 17.30 2.68 -1.54
N VAL C 391 16.48 1.62 -1.64
CA VAL C 391 15.07 1.75 -2.06
C VAL C 391 14.26 2.48 -0.99
N SER C 392 14.35 1.97 0.24
CA SER C 392 13.71 2.57 1.42
C SER C 392 13.95 4.09 1.52
N ALA C 393 15.16 4.53 1.18
CA ALA C 393 15.49 5.97 1.09
C ALA C 393 14.72 6.64 -0.03
N SER C 394 14.86 6.11 -1.23
CA SER C 394 14.17 6.63 -2.42
C SER C 394 12.66 6.79 -2.22
N VAL C 395 12.04 5.80 -1.56
CA VAL C 395 10.60 5.80 -1.33
C VAL C 395 10.23 7.03 -0.52
N GLY C 396 10.91 7.25 0.61
CA GLY C 396 10.65 8.42 1.46
C GLY C 396 10.91 9.74 0.75
N MET C 397 12.02 9.78 0.01
CA MET C 397 12.42 10.93 -0.78
C MET C 397 11.40 11.27 -1.88
N ILE C 398 10.99 10.26 -2.65
CA ILE C 398 10.03 10.42 -3.76
C ILE C 398 8.65 10.83 -3.23
N PHE C 399 8.07 9.97 -2.41
CA PHE C 399 6.71 10.18 -1.92
C PHE C 399 6.62 11.32 -0.90
N GLY C 400 7.76 11.77 -0.38
CA GLY C 400 7.80 12.85 0.62
C GLY C 400 8.03 14.27 0.15
N VAL C 401 8.36 14.50 -1.13
CA VAL C 401 8.65 15.87 -1.62
C VAL C 401 7.42 16.73 -1.88
N LEU C 402 6.39 16.17 -2.52
CA LEU C 402 5.17 16.96 -2.79
C LEU C 402 4.60 17.61 -1.52
N PRO C 403 4.43 16.83 -0.43
CA PRO C 403 4.03 17.44 0.84
C PRO C 403 5.03 18.45 1.38
N ALA C 404 6.30 18.05 1.48
CA ALA C 404 7.35 18.93 2.00
C ALA C 404 7.48 20.23 1.20
N ASN C 405 7.23 20.13 -0.10
CA ASN C 405 7.14 21.30 -0.95
C ASN C 405 5.95 22.13 -0.53
N LYS C 406 4.76 21.52 -0.50
CA LYS C 406 3.52 22.21 -0.12
C LYS C 406 3.74 23.04 1.14
N ALA C 407 4.28 22.39 2.17
CA ALA C 407 4.55 23.02 3.46
C ALA C 407 5.52 24.19 3.34
N SER C 408 6.60 24.01 2.59
CA SER C 408 7.61 25.07 2.45
C SER C 408 7.06 26.32 1.77
N LYS C 409 6.11 26.15 0.85
CA LYS C 409 5.52 27.26 0.11
C LYS C 409 4.41 28.01 0.85
N LEU C 410 3.96 27.53 2.01
CA LEU C 410 2.79 28.14 2.69
C LEU C 410 3.02 29.56 3.14
N ASP C 411 2.08 30.44 2.80
CA ASP C 411 2.21 31.87 3.08
C ASP C 411 1.86 32.12 4.55
N PRO C 412 2.78 32.74 5.30
CA PRO C 412 2.51 33.06 6.70
C PRO C 412 1.25 33.86 6.95
N ILE C 413 0.92 34.82 6.07
CA ILE C 413 -0.21 35.71 6.32
C ILE C 413 -1.51 34.93 6.14
N GLU C 414 -1.61 34.18 5.04
CA GLU C 414 -2.81 33.36 4.79
C GLU C 414 -2.98 32.26 5.86
N ALA C 415 -1.87 31.68 6.31
CA ALA C 415 -1.87 30.64 7.35
C ALA C 415 -2.24 31.12 8.76
N LEU C 416 -1.96 32.39 9.08
CA LEU C 416 -2.28 32.98 10.39
C LEU C 416 -3.59 33.79 10.36
N MET D 1 -30.86 6.19 5.65
CA MET D 1 -29.48 6.07 5.11
C MET D 1 -28.77 7.42 5.02
N GLN D 2 -28.96 8.25 6.06
CA GLN D 2 -28.23 9.52 6.15
C GLN D 2 -26.74 9.29 6.36
N ASN D 3 -26.40 8.16 6.99
CA ASN D 3 -25.00 7.72 7.16
C ASN D 3 -24.22 7.60 5.83
N LEU D 4 -24.94 7.24 4.76
CA LEU D 4 -24.36 7.22 3.41
C LEU D 4 -24.12 8.64 2.87
N LYS D 5 -25.07 9.55 3.11
CA LYS D 5 -24.89 10.97 2.74
C LYS D 5 -23.78 11.58 3.57
N PHE D 6 -23.75 11.28 4.87
CA PHE D 6 -22.67 11.71 5.79
C PHE D 6 -21.32 11.19 5.31
N ALA D 7 -21.30 9.93 4.93
CA ALA D 7 -20.10 9.30 4.38
C ALA D 7 -19.60 10.01 3.12
N PHE D 8 -20.50 10.30 2.19
CA PHE D 8 -20.07 10.93 0.93
C PHE D 8 -19.69 12.41 1.11
N SER D 9 -20.36 13.11 2.04
CA SER D 9 -19.98 14.49 2.40
C SER D 9 -18.57 14.55 2.96
N SER D 10 -18.24 13.57 3.81
CA SER D 10 -16.91 13.49 4.40
C SER D 10 -15.86 13.11 3.36
N ILE D 11 -16.15 12.10 2.56
CA ILE D 11 -15.26 11.70 1.46
C ILE D 11 -14.97 12.91 0.57
N MET D 12 -16.03 13.64 0.22
CA MET D 12 -15.90 14.84 -0.60
C MET D 12 -15.31 16.05 0.10
N ALA D 13 -15.23 16.03 1.42
CA ALA D 13 -14.59 17.10 2.19
C ALA D 13 -13.10 17.22 1.91
N HIS D 14 -12.42 16.08 1.83
CA HIS D 14 -11.00 16.02 1.49
C HIS D 14 -10.86 15.10 0.28
N LYS D 15 -11.01 15.69 -0.91
CA LYS D 15 -11.15 14.92 -2.14
C LYS D 15 -9.85 14.21 -2.47
N MET D 16 -8.76 14.97 -2.48
CA MET D 16 -7.44 14.46 -2.85
C MET D 16 -6.82 13.57 -1.76
N ARG D 17 -7.36 13.59 -0.55
CA ARG D 17 -6.96 12.65 0.51
C ARG D 17 -7.74 11.36 0.37
N SER D 18 -9.06 11.48 0.27
CA SER D 18 -9.91 10.31 -0.01
C SER D 18 -9.46 9.59 -1.29
N LEU D 19 -9.01 10.36 -2.29
CA LEU D 19 -8.46 9.82 -3.54
C LEU D 19 -7.21 8.99 -3.30
N LEU D 20 -6.22 9.58 -2.63
CA LEU D 20 -4.96 8.88 -2.31
C LEU D 20 -5.18 7.67 -1.41
N THR D 21 -6.19 7.72 -0.54
CA THR D 21 -6.57 6.58 0.28
C THR D 21 -7.19 5.48 -0.57
N MET D 22 -8.02 5.85 -1.54
CA MET D 22 -8.61 4.89 -2.50
C MET D 22 -7.57 4.23 -3.41
N ILE D 23 -6.55 4.98 -3.80
CA ILE D 23 -5.51 4.48 -4.73
C ILE D 23 -4.75 3.27 -4.13
N GLY D 24 -4.56 3.24 -2.82
CA GLY D 24 -4.06 2.04 -2.15
C GLY D 24 -4.92 0.83 -2.47
N ILE D 25 -6.23 0.97 -2.32
CA ILE D 25 -7.18 -0.12 -2.58
C ILE D 25 -7.31 -0.45 -4.06
N ILE D 26 -7.21 0.56 -4.95
CA ILE D 26 -7.23 0.31 -6.39
C ILE D 26 -6.01 -0.54 -6.77
N ILE D 27 -4.82 -0.01 -6.47
CA ILE D 27 -3.56 -0.71 -6.71
C ILE D 27 -3.60 -2.14 -6.13
N GLY D 28 -4.22 -2.29 -4.95
CA GLY D 28 -4.35 -3.58 -4.28
C GLY D 28 -5.31 -4.53 -4.96
N VAL D 29 -6.55 -4.08 -5.18
CA VAL D 29 -7.58 -4.89 -5.84
C VAL D 29 -7.26 -5.16 -7.31
N SER D 30 -6.67 -4.18 -8.00
CA SER D 30 -6.27 -4.39 -9.40
C SER D 30 -5.37 -5.60 -9.50
N SER D 31 -4.22 -5.51 -8.86
CA SER D 31 -3.19 -6.56 -8.96
C SER D 31 -3.67 -7.93 -8.47
N VAL D 32 -4.53 -7.96 -7.44
CA VAL D 32 -5.11 -9.22 -6.95
C VAL D 32 -6.08 -9.82 -7.95
N VAL D 33 -6.97 -9.00 -8.50
CA VAL D 33 -7.96 -9.49 -9.47
C VAL D 33 -7.31 -9.90 -10.80
N VAL D 34 -6.23 -9.23 -11.21
CA VAL D 34 -5.46 -9.63 -12.43
C VAL D 34 -4.86 -11.04 -12.30
N ILE D 35 -4.15 -11.31 -11.20
CA ILE D 35 -3.57 -12.65 -10.97
C ILE D 35 -4.68 -13.70 -10.83
N MET D 36 -5.66 -13.44 -9.98
CA MET D 36 -6.82 -14.34 -9.81
C MET D 36 -7.55 -14.67 -11.13
N ALA D 37 -7.60 -13.72 -12.06
CA ALA D 37 -8.34 -13.87 -13.31
C ALA D 37 -7.58 -14.64 -14.38
N LEU D 38 -6.27 -14.44 -14.47
CA LEU D 38 -5.43 -15.24 -15.37
C LEU D 38 -5.44 -16.69 -14.91
N GLY D 39 -5.19 -16.90 -13.63
CA GLY D 39 -5.26 -18.23 -13.01
C GLY D 39 -6.61 -18.89 -13.17
N ASP D 40 -7.67 -18.08 -13.18
CA ASP D 40 -9.03 -18.54 -13.47
C ASP D 40 -9.22 -18.88 -14.94
N SER D 41 -8.65 -18.09 -15.84
CA SER D 41 -8.68 -18.38 -17.29
C SER D 41 -7.96 -19.68 -17.61
N LEU D 42 -6.76 -19.85 -17.05
CA LEU D 42 -6.00 -21.09 -17.20
C LEU D 42 -6.79 -22.32 -16.72
N SER D 43 -7.54 -22.15 -15.62
CA SER D 43 -8.39 -23.23 -15.07
C SER D 43 -9.62 -23.48 -15.95
N ARG D 44 -10.33 -22.41 -16.32
CA ARG D 44 -11.50 -22.48 -17.22
C ARG D 44 -11.18 -23.03 -18.61
N GLN D 45 -9.99 -22.71 -19.10
CA GLN D 45 -9.52 -23.24 -20.39
C GLN D 45 -9.31 -24.75 -20.28
N VAL D 46 -8.58 -25.17 -19.26
CA VAL D 46 -8.40 -26.59 -18.97
C VAL D 46 -9.78 -27.25 -18.81
N ASN D 47 -10.72 -26.55 -18.17
CA ASN D 47 -12.06 -27.10 -17.97
C ASN D 47 -12.90 -27.25 -19.26
N LYS D 48 -12.64 -26.40 -20.26
CA LYS D 48 -13.21 -26.60 -21.61
C LYS D 48 -12.66 -27.85 -22.28
N ASP D 49 -11.35 -28.08 -22.14
CA ASP D 49 -10.69 -29.24 -22.75
C ASP D 49 -11.14 -30.60 -22.16
N MET D 50 -11.75 -30.58 -20.98
CA MET D 50 -12.37 -31.77 -20.40
C MET D 50 -13.67 -32.13 -21.12
N THR D 51 -14.42 -31.11 -21.57
CA THR D 51 -15.64 -31.34 -22.38
C THR D 51 -15.35 -31.72 -23.86
N LYS D 52 -14.08 -31.65 -24.27
CA LYS D 52 -13.60 -32.38 -25.46
C LYS D 52 -13.27 -33.84 -25.09
N SER D 53 -12.73 -34.05 -23.89
CA SER D 53 -12.46 -35.39 -23.34
C SER D 53 -13.72 -36.21 -22.94
N GLN D 54 -14.92 -35.77 -23.35
CA GLN D 54 -16.14 -36.58 -23.26
C GLN D 54 -16.79 -36.90 -24.62
N LYS D 55 -16.46 -36.12 -25.65
CA LYS D 55 -16.70 -36.54 -27.04
C LYS D 55 -15.70 -37.61 -27.54
N ASN D 56 -14.75 -38.02 -26.69
CA ASN D 56 -13.83 -39.12 -26.99
C ASN D 56 -13.96 -40.25 -25.97
N ILE D 57 -14.83 -41.22 -26.28
CA ILE D 57 -14.99 -42.41 -25.44
C ILE D 57 -13.77 -43.29 -25.69
N SER D 58 -13.06 -43.64 -24.62
CA SER D 58 -11.90 -44.51 -24.70
C SER D 58 -12.24 -45.83 -24.03
N VAL D 59 -12.11 -46.94 -24.77
CA VAL D 59 -12.33 -48.29 -24.22
C VAL D 59 -11.00 -49.01 -24.01
N PHE D 60 -10.81 -49.56 -22.80
CA PHE D 60 -9.57 -50.24 -22.40
C PHE D 60 -9.90 -51.51 -21.62
N PHE D 61 -9.07 -52.54 -21.76
CA PHE D 61 -9.35 -53.85 -21.16
C PHE D 61 -8.06 -54.56 -20.73
N PRO D 91 -1.75 -57.83 -21.68
CA PRO D 91 -3.06 -57.85 -22.34
C PRO D 91 -3.19 -58.96 -23.41
N PRO D 92 -4.29 -58.94 -24.20
CA PRO D 92 -4.36 -59.60 -25.52
C PRO D 92 -4.20 -58.58 -26.67
N LYS D 93 -3.77 -59.07 -27.84
CA LYS D 93 -3.52 -58.22 -29.00
C LYS D 93 -4.86 -57.89 -29.70
N PRO D 94 -5.27 -56.60 -29.73
CA PRO D 94 -6.53 -56.24 -30.38
C PRO D 94 -6.34 -55.99 -31.87
N GLN D 95 -7.44 -55.75 -32.58
CA GLN D 95 -7.43 -55.64 -34.03
C GLN D 95 -8.45 -54.62 -34.54
N GLU D 96 -7.97 -53.68 -35.36
CA GLU D 96 -8.75 -52.54 -35.87
C GLU D 96 -10.08 -52.94 -36.55
N SER D 97 -10.14 -54.13 -37.14
CA SER D 97 -11.38 -54.69 -37.72
C SER D 97 -12.63 -54.57 -36.83
N TRP D 98 -12.46 -54.76 -35.52
CA TRP D 98 -13.57 -54.72 -34.55
C TRP D 98 -14.04 -53.29 -34.27
N VAL D 99 -13.08 -52.37 -34.20
CA VAL D 99 -13.36 -50.98 -33.88
C VAL D 99 -14.12 -50.37 -35.07
N GLN D 100 -13.64 -50.67 -36.27
CA GLN D 100 -14.31 -50.33 -37.54
C GLN D 100 -15.76 -50.84 -37.56
N GLU D 101 -15.94 -52.09 -37.13
CA GLU D 101 -17.26 -52.72 -37.02
C GLU D 101 -18.16 -51.94 -36.06
N ALA D 102 -17.70 -51.82 -34.80
CA ALA D 102 -18.47 -51.15 -33.73
C ALA D 102 -18.80 -49.68 -34.03
N ALA D 103 -18.06 -49.05 -34.93
CA ALA D 103 -18.27 -47.64 -35.30
C ALA D 103 -19.47 -47.39 -36.21
N LYS D 104 -20.12 -48.44 -36.70
CA LYS D 104 -21.41 -48.28 -37.39
C LYS D 104 -22.58 -47.97 -36.43
N LEU D 105 -22.42 -48.24 -35.14
CA LEU D 105 -23.48 -47.99 -34.14
C LEU D 105 -23.97 -46.53 -34.18
N LYS D 106 -25.26 -46.36 -33.92
CA LYS D 106 -26.00 -45.16 -34.35
C LYS D 106 -25.44 -43.81 -33.87
N GLY D 107 -25.04 -43.75 -32.60
CA GLY D 107 -24.45 -42.55 -32.03
C GLY D 107 -23.01 -42.28 -32.45
N VAL D 108 -22.25 -43.35 -32.72
CA VAL D 108 -20.79 -43.24 -32.97
C VAL D 108 -20.50 -42.47 -34.27
N ASP D 109 -19.89 -41.30 -34.15
CA ASP D 109 -19.58 -40.42 -35.29
C ASP D 109 -18.42 -40.94 -36.13
N SER D 110 -17.36 -41.36 -35.46
CA SER D 110 -16.19 -41.94 -36.12
C SER D 110 -15.37 -42.73 -35.11
N TYR D 111 -14.26 -43.30 -35.58
CA TYR D 111 -13.33 -43.98 -34.69
C TYR D 111 -11.90 -43.68 -35.10
N TYR D 112 -11.00 -44.03 -34.19
CA TYR D 112 -9.57 -44.12 -34.50
C TYR D 112 -8.89 -45.00 -33.45
N VAL D 113 -7.64 -45.36 -33.73
CA VAL D 113 -6.83 -46.18 -32.82
C VAL D 113 -5.37 -45.70 -32.86
N THR D 114 -4.72 -45.60 -31.70
CA THR D 114 -3.40 -44.98 -31.59
C THR D 114 -2.34 -45.79 -30.81
N ASN D 115 -1.13 -45.27 -30.85
CA ASN D 115 0.08 -45.93 -30.41
C ASN D 115 0.93 -44.85 -29.74
N SER D 116 1.59 -45.17 -28.62
CA SER D 116 2.21 -44.13 -27.78
C SER D 116 3.69 -44.33 -27.50
N THR D 117 4.42 -43.20 -27.44
CA THR D 117 5.74 -43.11 -26.77
C THR D 117 6.09 -41.63 -26.61
N ASN D 118 6.90 -41.30 -25.60
CA ASN D 118 7.25 -39.89 -25.32
C ASN D 118 8.69 -39.58 -25.71
N ALA D 119 9.21 -40.23 -26.75
CA ALA D 119 10.64 -40.22 -27.03
C ALA D 119 11.20 -38.86 -27.47
N ILE D 120 12.53 -38.79 -27.58
CA ILE D 120 13.27 -37.52 -27.74
C ILE D 120 13.69 -37.29 -29.20
N LEU D 121 13.34 -36.11 -29.72
CA LEU D 121 13.60 -35.72 -31.12
C LEU D 121 14.88 -34.90 -31.23
N THR D 122 15.93 -35.48 -31.80
CA THR D 122 17.18 -34.74 -32.09
C THR D 122 17.19 -34.31 -33.57
N TYR D 123 17.99 -33.29 -33.86
CA TYR D 123 18.29 -32.89 -35.24
C TYR D 123 19.63 -32.14 -35.27
N GLN D 124 20.72 -32.89 -35.18
CA GLN D 124 22.09 -32.34 -35.33
C GLN D 124 22.32 -31.20 -34.30
N ASP D 125 22.73 -31.60 -33.09
CA ASP D 125 22.93 -30.73 -31.90
C ASP D 125 21.65 -30.15 -31.22
N LYS D 126 20.64 -29.77 -32.00
CA LYS D 126 19.32 -29.35 -31.48
C LYS D 126 18.58 -30.57 -30.96
N LYS D 127 17.71 -30.37 -29.96
CA LYS D 127 17.18 -31.49 -29.17
C LYS D 127 15.94 -31.11 -28.37
N VAL D 128 14.77 -31.59 -28.80
CA VAL D 128 13.51 -31.43 -28.05
C VAL D 128 13.25 -32.67 -27.18
N GLU D 129 12.80 -32.40 -25.95
CA GLU D 129 12.71 -33.40 -24.88
C GLU D 129 11.27 -33.78 -24.57
N ASN D 130 11.01 -35.09 -24.64
CA ASN D 130 9.77 -35.70 -24.17
C ASN D 130 8.54 -35.13 -24.87
N ALA D 131 8.59 -35.22 -26.19
CA ALA D 131 7.46 -34.93 -27.06
C ALA D 131 6.58 -36.16 -27.09
N ASN D 132 5.27 -35.94 -27.16
CA ASN D 132 4.29 -37.02 -27.16
C ASN D 132 4.09 -37.53 -28.58
N LEU D 133 4.76 -38.64 -28.91
CA LEU D 133 4.73 -39.20 -30.26
C LEU D 133 3.53 -40.10 -30.45
N THR D 134 2.47 -39.57 -31.05
CA THR D 134 1.29 -40.39 -31.41
C THR D 134 1.59 -41.22 -32.65
N GLY D 135 1.09 -42.45 -32.65
CA GLY D 135 1.10 -43.32 -33.82
C GLY D 135 -0.35 -43.62 -34.15
N GLY D 136 -0.91 -42.91 -35.13
CA GLY D 136 -2.30 -43.07 -35.52
C GLY D 136 -2.49 -44.13 -36.58
N ASN D 137 -3.74 -44.52 -36.80
CA ASN D 137 -4.15 -45.35 -37.94
C ASN D 137 -4.65 -44.45 -39.06
N ARG D 138 -5.08 -45.06 -40.17
CA ARG D 138 -5.53 -44.31 -41.35
C ARG D 138 -6.57 -43.25 -41.02
N THR D 139 -7.57 -43.62 -40.22
CA THR D 139 -8.67 -42.73 -39.84
C THR D 139 -8.29 -41.59 -38.86
N TYR D 140 -7.18 -41.75 -38.13
CA TYR D 140 -6.74 -40.81 -37.10
C TYR D 140 -6.65 -39.33 -37.52
N MET D 141 -6.33 -39.05 -38.78
CA MET D 141 -6.03 -37.67 -39.22
C MET D 141 -7.29 -36.79 -39.34
N ASP D 142 -8.34 -37.33 -39.95
CA ASP D 142 -9.62 -36.62 -40.09
C ASP D 142 -10.61 -36.84 -38.93
N ALA D 143 -10.33 -37.79 -38.05
CA ALA D 143 -11.15 -38.03 -36.84
C ALA D 143 -10.78 -37.04 -35.72
N VAL D 144 -9.49 -36.77 -35.57
CA VAL D 144 -8.97 -35.72 -34.65
C VAL D 144 -8.90 -34.34 -35.36
N LYS D 145 -8.68 -34.34 -36.67
CA LYS D 145 -8.58 -33.10 -37.49
C LYS D 145 -7.29 -32.33 -37.22
N ASN D 146 -6.17 -32.89 -37.66
CA ASN D 146 -4.87 -32.18 -37.65
C ASN D 146 -4.72 -31.34 -38.94
N GLU D 147 -4.87 -30.01 -38.80
CA GLU D 147 -4.73 -29.07 -39.95
C GLU D 147 -3.25 -28.89 -40.30
N ILE D 148 -2.87 -29.28 -41.51
CA ILE D 148 -1.47 -29.19 -41.98
C ILE D 148 -1.16 -27.82 -42.60
N ILE D 149 -0.08 -27.20 -42.11
CA ILE D 149 0.35 -25.87 -42.53
C ILE D 149 1.57 -25.88 -43.48
N ALA D 150 2.32 -26.99 -43.48
CA ALA D 150 3.43 -27.19 -44.41
C ALA D 150 3.37 -28.61 -45.00
N GLY D 151 3.46 -28.69 -46.32
CA GLY D 151 3.51 -29.97 -47.03
C GLY D 151 2.23 -30.77 -47.00
N ARG D 152 2.34 -31.98 -46.46
CA ARG D 152 1.31 -33.02 -46.62
C ARG D 152 1.12 -33.80 -45.33
N SER D 153 -0.09 -34.33 -45.14
CA SER D 153 -0.39 -35.21 -44.02
C SER D 153 -0.10 -36.67 -44.40
N LEU D 154 -0.41 -37.60 -43.50
CA LEU D 154 -0.21 -39.01 -43.78
C LEU D 154 -1.12 -39.43 -44.93
N ARG D 155 -0.50 -39.93 -46.01
CA ARG D 155 -1.19 -40.57 -47.13
C ARG D 155 -1.20 -42.08 -46.82
N GLU D 156 -1.94 -42.86 -47.62
CA GLU D 156 -2.02 -44.31 -47.42
C GLU D 156 -0.72 -45.04 -47.80
N GLN D 157 -0.10 -44.66 -48.91
CA GLN D 157 1.20 -45.24 -49.31
C GLN D 157 2.33 -45.08 -48.27
N ASP D 158 2.06 -44.42 -47.15
CA ASP D 158 2.94 -44.41 -45.98
C ASP D 158 2.66 -45.58 -45.05
N PHE D 159 1.39 -45.96 -44.94
CA PHE D 159 1.00 -47.16 -44.20
C PHE D 159 1.42 -48.39 -44.99
N LYS D 160 0.98 -48.46 -46.25
CA LYS D 160 1.16 -49.64 -47.08
C LYS D 160 2.64 -50.01 -47.29
N GLU D 161 3.46 -49.02 -47.63
CA GLU D 161 4.89 -49.25 -47.91
C GLU D 161 5.79 -49.26 -46.66
N PHE D 162 5.21 -49.25 -45.47
CA PHE D 162 5.94 -49.31 -44.19
C PHE D 162 7.00 -48.21 -44.06
N ALA D 163 6.57 -46.99 -44.35
CA ALA D 163 7.47 -45.82 -44.31
C ALA D 163 7.63 -45.31 -42.90
N SER D 164 8.83 -44.80 -42.60
CA SER D 164 9.09 -44.04 -41.37
C SER D 164 8.99 -42.52 -41.65
N VAL D 165 7.76 -42.01 -41.63
CA VAL D 165 7.48 -40.58 -41.83
C VAL D 165 6.76 -40.02 -40.61
N ILE D 166 6.82 -38.69 -40.46
CA ILE D 166 6.39 -38.00 -39.24
C ILE D 166 5.82 -36.60 -39.52
N LEU D 167 4.77 -36.25 -38.78
CA LEU D 167 4.23 -34.90 -38.75
C LEU D 167 4.72 -34.26 -37.46
N LEU D 168 5.06 -32.97 -37.53
CA LEU D 168 5.47 -32.21 -36.35
C LEU D 168 4.45 -31.11 -36.08
N ASP D 169 4.30 -30.74 -34.80
CA ASP D 169 3.44 -29.61 -34.44
C ASP D 169 4.18 -28.30 -34.61
N GLU D 170 3.43 -27.23 -34.87
CA GLU D 170 3.99 -25.92 -35.26
C GLU D 170 5.10 -25.41 -34.32
N GLU D 171 4.82 -25.41 -33.03
CA GLU D 171 5.80 -24.96 -32.03
C GLU D 171 7.01 -25.94 -31.87
N LEU D 172 6.77 -27.24 -32.07
CA LEU D 172 7.85 -28.24 -32.19
C LEU D 172 8.62 -28.09 -33.49
N SER D 173 7.90 -27.73 -34.56
CA SER D 173 8.49 -27.45 -35.86
C SER D 173 9.50 -26.31 -35.77
N ILE D 174 9.07 -25.15 -35.23
CA ILE D 174 9.94 -23.97 -35.12
C ILE D 174 11.10 -24.19 -34.14
N SER D 175 10.83 -24.83 -33.00
CA SER D 175 11.87 -25.06 -31.98
C SER D 175 12.98 -25.98 -32.48
N LEU D 176 12.64 -26.92 -33.36
CA LEU D 176 13.59 -27.89 -33.88
C LEU D 176 14.26 -27.45 -35.20
N PHE D 177 13.56 -26.62 -36.00
CA PHE D 177 14.04 -26.19 -37.34
C PHE D 177 13.81 -24.70 -37.69
N GLU D 178 13.72 -23.80 -36.70
CA GLU D 178 13.46 -22.35 -36.93
C GLU D 178 12.10 -21.99 -37.56
N SER D 179 11.88 -22.42 -38.82
CA SER D 179 10.62 -22.17 -39.55
C SER D 179 9.74 -23.45 -39.63
N PRO D 180 8.50 -23.34 -40.18
CA PRO D 180 7.73 -24.54 -40.56
C PRO D 180 8.16 -25.20 -41.87
N GLN D 181 8.27 -24.42 -42.94
CA GLN D 181 8.69 -24.94 -44.25
C GLN D 181 10.14 -25.45 -44.23
N GLU D 182 10.97 -24.85 -43.38
CA GLU D 182 12.37 -25.27 -43.16
C GLU D 182 12.46 -26.73 -42.71
N ALA D 183 11.66 -27.10 -41.71
CA ALA D 183 11.64 -28.46 -41.16
C ALA D 183 11.29 -29.55 -42.18
N ILE D 184 10.48 -29.17 -43.17
CA ILE D 184 9.94 -30.12 -44.13
C ILE D 184 11.03 -30.85 -44.92
N ASN D 185 10.73 -32.09 -45.29
CA ASN D 185 11.63 -32.93 -46.08
C ASN D 185 13.05 -33.06 -45.49
N LYS D 186 13.15 -33.09 -44.16
CA LYS D 186 14.44 -33.30 -43.48
C LYS D 186 14.33 -34.42 -42.45
N VAL D 187 15.48 -34.90 -41.99
CA VAL D 187 15.54 -36.08 -41.13
C VAL D 187 15.52 -35.66 -39.66
N VAL D 188 14.59 -36.26 -38.90
CA VAL D 188 14.56 -36.13 -37.44
C VAL D 188 15.12 -37.43 -36.88
N GLU D 189 15.63 -37.35 -35.65
CA GLU D 189 16.05 -38.54 -34.90
C GLU D 189 15.09 -38.71 -33.70
N VAL D 190 13.96 -39.34 -33.99
CA VAL D 190 12.96 -39.65 -32.97
C VAL D 190 13.45 -40.90 -32.26
N ASN D 191 13.97 -40.72 -31.04
CA ASN D 191 14.57 -41.80 -30.23
C ASN D 191 15.71 -42.57 -30.94
N GLY D 192 16.33 -41.93 -31.93
CA GLY D 192 17.34 -42.59 -32.75
C GLY D 192 16.96 -42.94 -34.15
N PHE D 193 15.72 -43.37 -34.35
CA PHE D 193 15.25 -43.81 -35.66
C PHE D 193 15.01 -42.63 -36.60
N SER D 194 15.47 -42.78 -37.83
CA SER D 194 15.39 -41.72 -38.83
C SER D 194 13.96 -41.62 -39.34
N TYR D 195 13.35 -40.46 -39.15
CA TYR D 195 12.02 -40.17 -39.64
C TYR D 195 12.10 -38.97 -40.57
N ARG D 196 11.52 -39.11 -41.77
CA ARG D 196 11.44 -37.98 -42.71
C ARG D 196 10.25 -37.09 -42.37
N VAL D 197 10.49 -35.80 -42.18
CA VAL D 197 9.41 -34.86 -41.90
C VAL D 197 8.64 -34.62 -43.20
N ILE D 198 7.49 -35.26 -43.32
CA ILE D 198 6.63 -35.10 -44.51
C ILE D 198 5.68 -33.92 -44.41
N GLY D 199 5.40 -33.46 -43.18
CA GLY D 199 4.59 -32.26 -42.96
C GLY D 199 4.66 -31.68 -41.55
N VAL D 200 4.06 -30.51 -41.38
CA VAL D 200 3.97 -29.84 -40.10
C VAL D 200 2.52 -29.38 -39.93
N TYR D 201 1.93 -29.66 -38.77
CA TYR D 201 0.52 -29.36 -38.51
C TYR D 201 0.32 -28.40 -37.34
N THR D 202 -0.93 -27.96 -37.17
CA THR D 202 -1.34 -27.23 -35.96
C THR D 202 -2.83 -27.38 -35.68
N SER D 203 -3.18 -27.09 -34.43
CA SER D 203 -4.56 -27.00 -33.99
C SER D 203 -4.60 -26.10 -32.76
N PRO D 204 -5.81 -25.81 -32.24
CA PRO D 204 -5.89 -25.22 -30.90
C PRO D 204 -5.33 -26.17 -29.83
N GLU D 205 -5.74 -27.44 -29.89
CA GLU D 205 -5.33 -28.46 -28.91
C GLU D 205 -3.81 -28.71 -28.82
N ALA D 206 -3.08 -28.37 -29.89
CA ALA D 206 -1.61 -28.43 -29.89
C ALA D 206 -1.02 -27.18 -29.26
N LYS D 207 -1.49 -26.01 -29.68
CA LYS D 207 -1.04 -24.72 -29.15
C LYS D 207 -1.15 -24.59 -27.61
N ARG D 208 -2.09 -25.32 -27.02
CA ARG D 208 -2.24 -25.42 -25.57
C ARG D 208 -1.51 -26.61 -24.93
N SER D 209 -1.07 -27.60 -25.71
CA SER D 209 -0.22 -28.70 -25.19
C SER D 209 1.01 -28.20 -24.42
N LYS D 210 1.43 -26.97 -24.73
CA LYS D 210 2.41 -26.23 -23.93
C LYS D 210 2.11 -26.27 -22.43
N ILE D 211 0.85 -26.10 -22.04
CA ILE D 211 0.45 -26.00 -20.62
C ILE D 211 0.33 -27.34 -19.86
N TYR D 212 0.23 -28.45 -20.60
CA TYR D 212 0.18 -29.79 -20.00
C TYR D 212 1.57 -30.41 -19.91
N GLY D 213 2.62 -29.63 -20.23
CA GLY D 213 4.00 -30.10 -20.16
C GLY D 213 4.38 -31.09 -21.23
N PHE D 214 3.72 -31.01 -22.39
CA PHE D 214 4.06 -31.85 -23.53
C PHE D 214 5.11 -31.11 -24.36
N GLY D 215 6.30 -31.72 -24.50
CA GLY D 215 7.41 -31.17 -25.29
C GLY D 215 7.10 -30.95 -26.76
N GLY D 216 6.13 -31.70 -27.28
CA GLY D 216 5.71 -31.62 -28.66
C GLY D 216 4.79 -32.78 -28.97
N LEU D 217 4.01 -32.66 -30.05
CA LEU D 217 3.02 -33.65 -30.43
C LEU D 217 3.28 -34.14 -31.85
N PRO D 218 4.34 -34.95 -32.05
CA PRO D 218 4.47 -35.54 -33.38
C PRO D 218 3.50 -36.71 -33.62
N ILE D 219 2.97 -36.79 -34.85
CA ILE D 219 2.09 -37.89 -35.25
C ILE D 219 2.84 -38.74 -36.25
N THR D 220 2.57 -40.04 -36.25
CA THR D 220 3.12 -40.93 -37.27
C THR D 220 2.22 -42.15 -37.58
N THR D 221 2.71 -43.02 -38.44
CA THR D 221 2.03 -44.26 -38.80
C THR D 221 2.24 -45.24 -37.65
N ASN D 222 1.14 -45.74 -37.09
CA ASN D 222 1.21 -46.72 -35.98
C ASN D 222 1.81 -48.07 -36.38
N ILE D 223 1.80 -48.39 -37.68
CA ILE D 223 2.55 -49.53 -38.21
C ILE D 223 4.04 -49.35 -37.93
N SER D 224 4.54 -48.12 -38.12
CA SER D 224 5.97 -47.78 -38.00
C SER D 224 6.38 -47.39 -36.57
N LEU D 225 5.42 -47.35 -35.65
CA LEU D 225 5.71 -47.27 -34.22
C LEU D 225 5.87 -48.68 -33.66
N ALA D 226 5.02 -49.59 -34.13
CA ALA D 226 5.11 -50.99 -33.74
C ALA D 226 6.35 -51.69 -34.31
N ALA D 227 6.81 -51.29 -35.48
CA ALA D 227 8.03 -51.84 -36.08
C ALA D 227 9.28 -51.29 -35.40
N ASN D 228 9.37 -49.97 -35.29
CA ASN D 228 10.58 -49.27 -34.82
C ASN D 228 10.76 -49.23 -33.30
N PHE D 229 9.75 -49.63 -32.52
CA PHE D 229 9.85 -49.67 -31.04
C PHE D 229 9.34 -50.94 -30.35
N ASN D 230 8.85 -51.93 -31.11
CA ASN D 230 8.29 -53.17 -30.56
C ASN D 230 7.17 -52.94 -29.52
N ILE D 231 6.32 -51.96 -29.79
CA ILE D 231 5.10 -51.75 -29.03
C ILE D 231 4.01 -52.39 -29.89
N ASP D 232 2.86 -52.70 -29.30
CA ASP D 232 1.71 -53.21 -30.07
C ASP D 232 1.19 -52.14 -31.04
N GLU D 233 0.68 -52.61 -32.18
CA GLU D 233 0.21 -51.75 -33.27
C GLU D 233 -0.90 -50.81 -32.78
N ILE D 234 -1.76 -51.36 -31.92
CA ILE D 234 -2.96 -50.69 -31.42
C ILE D 234 -2.99 -50.79 -29.89
N ALA D 235 -3.09 -49.64 -29.23
CA ALA D 235 -2.99 -49.53 -27.76
C ALA D 235 -4.09 -48.70 -27.11
N SER D 236 -4.52 -47.61 -27.75
CA SER D 236 -5.74 -46.90 -27.36
C SER D 236 -6.82 -47.13 -28.41
N ILE D 237 -8.08 -47.22 -27.97
CA ILE D 237 -9.22 -47.41 -28.86
C ILE D 237 -10.26 -46.34 -28.54
N VAL D 238 -10.44 -45.39 -29.44
CA VAL D 238 -11.27 -44.22 -29.19
C VAL D 238 -12.51 -44.25 -30.09
N PHE D 239 -13.66 -43.98 -29.48
CA PHE D 239 -14.91 -43.83 -30.19
C PHE D 239 -15.42 -42.40 -30.08
N ARG D 240 -15.24 -41.68 -31.18
CA ARG D 240 -15.74 -40.32 -31.34
C ARG D 240 -17.27 -40.34 -31.40
N VAL D 241 -17.91 -39.82 -30.35
CA VAL D 241 -19.36 -39.59 -30.33
C VAL D 241 -19.61 -38.10 -30.09
N ASN D 242 -20.26 -37.44 -31.05
CA ASN D 242 -20.54 -35.99 -30.97
C ASN D 242 -22.01 -35.67 -30.62
N ASP D 243 -22.60 -36.50 -29.76
CA ASP D 243 -23.77 -36.15 -28.98
C ASP D 243 -23.35 -36.32 -27.51
N THR D 244 -23.14 -35.19 -26.82
CA THR D 244 -22.73 -35.19 -25.41
C THR D 244 -23.71 -35.95 -24.52
N SER D 245 -25.00 -35.68 -24.72
CA SER D 245 -26.08 -36.37 -23.99
C SER D 245 -26.41 -37.74 -24.61
N LEU D 246 -25.36 -38.55 -24.79
CA LEU D 246 -25.45 -39.92 -25.31
C LEU D 246 -24.33 -40.85 -24.78
N THR D 247 -23.24 -40.30 -24.25
CA THR D 247 -22.08 -41.07 -23.78
C THR D 247 -22.41 -42.04 -22.63
N PRO D 248 -23.37 -41.69 -21.77
CA PRO D 248 -23.98 -42.75 -20.96
C PRO D 248 -24.86 -43.67 -21.82
N THR D 249 -24.85 -44.97 -21.52
CA THR D 249 -25.57 -46.06 -22.28
C THR D 249 -24.87 -46.55 -23.57
N LEU D 250 -24.36 -45.63 -24.39
CA LEU D 250 -23.64 -45.98 -25.63
C LEU D 250 -22.24 -46.48 -25.29
N GLY D 251 -21.48 -45.64 -24.58
CA GLY D 251 -20.12 -45.96 -24.14
C GLY D 251 -19.95 -47.25 -23.37
N PRO D 252 -20.89 -47.57 -22.45
CA PRO D 252 -20.83 -48.89 -21.83
C PRO D 252 -21.14 -50.06 -22.78
N GLU D 253 -21.99 -49.83 -23.80
CA GLU D 253 -22.29 -50.86 -24.81
C GLU D 253 -21.05 -51.19 -25.65
N LEU D 254 -20.34 -50.16 -26.11
CA LEU D 254 -19.10 -50.33 -26.88
C LEU D 254 -18.04 -51.14 -26.12
N ALA D 255 -17.92 -50.93 -24.80
CA ALA D 255 -16.99 -51.69 -23.96
C ALA D 255 -17.38 -53.15 -23.83
N ARG D 256 -18.68 -53.45 -23.87
CA ARG D 256 -19.22 -54.82 -23.82
C ARG D 256 -19.61 -55.38 -25.21
N LYS D 257 -19.23 -54.69 -26.28
CA LYS D 257 -19.20 -55.25 -27.66
C LYS D 257 -17.78 -55.64 -28.04
N MET D 258 -16.84 -54.73 -27.75
CA MET D 258 -15.41 -55.01 -27.87
C MET D 258 -14.91 -56.07 -26.85
N THR D 259 -15.80 -56.64 -26.02
CA THR D 259 -15.48 -57.81 -25.18
C THR D 259 -16.07 -59.13 -25.72
N GLU D 260 -17.09 -59.04 -26.59
CA GLU D 260 -17.62 -60.23 -27.29
C GLU D 260 -16.60 -60.92 -28.18
N LEU D 261 -15.63 -60.17 -28.70
CA LEU D 261 -14.61 -60.71 -29.59
C LEU D 261 -13.56 -61.49 -28.77
N ALA D 262 -12.85 -60.81 -27.88
CA ALA D 262 -11.90 -61.46 -26.94
C ALA D 262 -12.51 -61.65 -25.53
N GLY D 263 -12.82 -62.91 -25.18
CA GLY D 263 -13.42 -63.23 -23.88
C GLY D 263 -12.40 -63.32 -22.77
N ASP D 273 -13.47 -46.40 -19.81
CA ASP D 273 -14.08 -45.74 -18.66
C ASP D 273 -13.56 -44.29 -18.49
N GLU D 274 -14.07 -43.58 -17.46
CA GLU D 274 -14.11 -42.09 -17.39
C GLU D 274 -12.77 -41.32 -17.51
N SER D 275 -12.91 -39.99 -17.68
CA SER D 275 -11.78 -39.07 -17.87
C SER D 275 -10.64 -39.25 -16.87
N VAL D 276 -9.43 -38.91 -17.31
CA VAL D 276 -8.19 -39.27 -16.60
C VAL D 276 -7.87 -38.25 -15.48
N VAL D 277 -6.60 -37.85 -15.31
CA VAL D 277 -6.19 -36.88 -14.28
C VAL D 277 -6.28 -35.43 -14.78
N PHE D 278 -7.47 -35.07 -15.26
CA PHE D 278 -7.68 -33.80 -15.95
C PHE D 278 -7.84 -32.70 -14.91
N ALA D 279 -8.52 -33.03 -13.80
CA ALA D 279 -8.58 -32.16 -12.62
C ALA D 279 -7.40 -32.50 -11.69
N GLU D 280 -6.20 -32.28 -12.21
CA GLU D 280 -4.95 -32.47 -11.46
C GLU D 280 -4.00 -31.33 -11.81
N ILE D 281 -3.86 -31.04 -13.10
CA ILE D 281 -3.44 -29.72 -13.60
C ILE D 281 -4.39 -28.57 -13.14
N GLN D 282 -5.70 -28.84 -13.08
CA GLN D 282 -6.71 -27.89 -12.56
C GLN D 282 -6.45 -27.50 -11.09
N GLN D 283 -6.10 -28.50 -10.29
CA GLN D 283 -5.66 -28.35 -8.90
C GLN D 283 -4.30 -27.61 -8.82
N SER D 284 -3.35 -28.01 -9.66
CA SER D 284 -1.98 -27.48 -9.61
C SER D 284 -1.90 -25.98 -9.98
N PHE D 285 -2.68 -25.59 -10.98
CA PHE D 285 -2.81 -24.19 -11.38
C PHE D 285 -3.42 -23.35 -10.28
N SER D 286 -4.61 -23.76 -9.82
CA SER D 286 -5.30 -23.10 -8.72
C SER D 286 -4.38 -22.82 -7.51
N PHE D 287 -3.51 -23.78 -7.19
CA PHE D 287 -2.51 -23.60 -6.14
C PHE D 287 -1.51 -22.48 -6.48
N MET D 288 -0.95 -22.52 -7.69
CA MET D 288 0.00 -21.48 -8.11
C MET D 288 -0.66 -20.10 -8.23
N THR D 289 -1.95 -20.07 -8.57
CA THR D 289 -2.74 -18.83 -8.61
C THR D 289 -2.83 -18.22 -7.21
N THR D 290 -3.21 -19.03 -6.23
CA THR D 290 -3.23 -18.61 -4.83
C THR D 290 -1.92 -17.99 -4.35
N ILE D 291 -0.84 -18.76 -4.44
CA ILE D 291 0.45 -18.35 -3.88
C ILE D 291 0.87 -16.97 -4.40
N ILE D 292 0.75 -16.79 -5.72
CA ILE D 292 1.08 -15.51 -6.35
C ILE D 292 0.02 -14.45 -6.00
N SER D 293 -1.27 -14.75 -6.13
CA SER D 293 -2.34 -13.77 -5.83
C SER D 293 -2.29 -13.24 -4.39
N SER D 294 -1.81 -14.06 -3.45
CA SER D 294 -1.60 -13.65 -2.06
C SER D 294 -0.47 -12.61 -1.89
N ILE D 295 0.61 -12.78 -2.66
CA ILE D 295 1.71 -11.80 -2.67
C ILE D 295 1.20 -10.46 -3.20
N ALA D 296 0.40 -10.49 -4.26
CA ALA D 296 -0.32 -9.30 -4.73
C ALA D 296 -1.25 -8.75 -3.63
N GLY D 297 -1.92 -9.66 -2.93
CA GLY D 297 -2.81 -9.34 -1.81
C GLY D 297 -2.21 -8.60 -0.63
N ILE D 298 -0.89 -8.66 -0.47
CA ILE D 298 -0.25 -7.86 0.57
C ILE D 298 -0.48 -6.38 0.31
N SER D 299 -0.33 -5.95 -0.95
CA SER D 299 -0.57 -4.54 -1.30
C SER D 299 -1.98 -4.06 -0.93
N LEU D 300 -2.95 -4.97 -0.95
CA LEU D 300 -4.29 -4.69 -0.43
C LEU D 300 -4.32 -4.61 1.10
N PHE D 301 -3.52 -5.45 1.77
CA PHE D 301 -3.39 -5.36 3.23
C PHE D 301 -2.74 -4.05 3.69
N VAL D 302 -1.75 -3.55 2.95
CA VAL D 302 -1.12 -2.26 3.27
C VAL D 302 -2.09 -1.14 2.94
N GLY D 303 -2.75 -1.25 1.79
CA GLY D 303 -3.85 -0.34 1.44
C GLY D 303 -4.93 -0.28 2.52
N GLY D 304 -5.20 -1.41 3.15
CA GLY D 304 -6.13 -1.49 4.27
C GLY D 304 -5.64 -0.79 5.53
N THR D 305 -4.35 -0.95 5.88
CA THR D 305 -3.77 -0.20 7.00
C THR D 305 -3.66 1.28 6.62
N GLY D 306 -3.62 1.54 5.31
CA GLY D 306 -3.75 2.89 4.78
C GLY D 306 -5.00 3.59 5.24
N VAL D 307 -6.16 2.94 5.07
CA VAL D 307 -7.43 3.61 5.40
C VAL D 307 -7.51 3.75 6.89
N MET D 308 -7.10 2.72 7.62
CA MET D 308 -7.21 2.75 9.08
C MET D 308 -6.43 3.94 9.63
N ASN D 309 -5.27 4.22 9.04
CA ASN D 309 -4.46 5.35 9.49
C ASN D 309 -5.16 6.68 9.18
N ILE D 310 -5.68 6.80 7.96
CA ILE D 310 -6.43 8.00 7.53
C ILE D 310 -7.76 8.18 8.28
N MET D 311 -8.43 7.09 8.61
CA MET D 311 -9.65 7.18 9.42
C MET D 311 -9.36 7.57 10.85
N LEU D 312 -8.20 7.15 11.38
CA LEU D 312 -7.82 7.51 12.75
C LEU D 312 -7.51 9.00 12.90
N VAL D 313 -6.87 9.59 11.89
CA VAL D 313 -6.67 11.06 11.88
C VAL D 313 -8.02 11.75 11.68
N SER D 314 -8.87 11.18 10.84
CA SER D 314 -10.23 11.70 10.64
C SER D 314 -10.90 11.87 11.99
N VAL D 315 -10.85 10.84 12.84
CA VAL D 315 -11.54 10.89 14.12
C VAL D 315 -10.93 11.97 15.01
N THR D 316 -9.62 11.98 15.20
CA THR D 316 -9.01 13.01 16.07
C THR D 316 -9.29 14.38 15.51
N GLU D 317 -9.10 14.55 14.20
CA GLU D 317 -9.18 15.87 13.60
C GLU D 317 -10.60 16.37 13.40
N ARG D 318 -11.59 15.54 13.71
CA ARG D 318 -12.94 16.08 13.93
C ARG D 318 -13.61 15.50 15.18
N THR D 319 -12.88 15.57 16.28
CA THR D 319 -13.43 15.31 17.62
C THR D 319 -14.49 16.38 17.94
N ARG D 320 -14.23 17.62 17.56
CA ARG D 320 -15.15 18.73 17.85
C ARG D 320 -16.48 18.59 17.13
N GLU D 321 -16.43 18.17 15.87
CA GLU D 321 -17.63 17.79 15.12
C GLU D 321 -18.39 16.68 15.85
N ILE D 322 -17.68 15.62 16.25
CA ILE D 322 -18.32 14.47 16.91
C ILE D 322 -19.07 14.88 18.19
N GLY D 323 -18.50 15.80 18.96
CA GLY D 323 -19.19 16.35 20.12
C GLY D 323 -20.39 17.20 19.72
N LEU D 324 -20.18 18.09 18.76
CA LEU D 324 -21.25 18.90 18.18
C LEU D 324 -22.42 18.00 17.77
N ARG D 325 -22.13 16.98 16.95
CA ARG D 325 -23.17 16.06 16.44
C ARG D 325 -23.95 15.39 17.58
N LYS D 326 -23.22 14.99 18.61
CA LYS D 326 -23.83 14.34 19.77
C LYS D 326 -24.70 15.32 20.58
N ALA D 327 -24.33 16.60 20.61
CA ALA D 327 -25.18 17.61 21.22
C ALA D 327 -26.47 17.85 20.39
N LEU D 328 -26.38 17.71 19.08
CA LEU D 328 -27.57 17.76 18.23
C LEU D 328 -28.43 16.48 18.25
N GLY D 329 -27.99 15.43 18.94
CA GLY D 329 -28.78 14.21 19.12
C GLY D 329 -28.26 12.94 18.47
N ALA D 330 -26.99 12.95 18.08
CA ALA D 330 -26.34 11.74 17.58
C ALA D 330 -26.03 10.83 18.77
N THR D 331 -26.36 9.55 18.63
CA THR D 331 -26.09 8.54 19.67
C THR D 331 -24.67 7.99 19.53
N ARG D 332 -24.25 7.18 20.49
CA ARG D 332 -22.99 6.44 20.39
C ARG D 332 -23.04 5.56 19.14
N ALA D 333 -24.13 4.83 18.98
CA ALA D 333 -24.31 3.92 17.85
C ALA D 333 -24.37 4.61 16.49
N ASN D 334 -24.94 5.81 16.42
CA ASN D 334 -25.01 6.59 15.18
C ASN D 334 -23.62 6.90 14.68
N ILE D 335 -22.79 7.45 15.57
CA ILE D 335 -21.43 7.85 15.23
C ILE D 335 -20.61 6.63 14.81
N LEU D 336 -20.89 5.48 15.44
CA LEU D 336 -20.20 4.21 15.17
C LEU D 336 -20.45 3.76 13.72
N ILE D 337 -21.72 3.59 13.37
CA ILE D 337 -22.07 3.12 12.02
C ILE D 337 -21.97 4.21 10.95
N GLN D 338 -21.62 5.45 11.31
CA GLN D 338 -21.32 6.53 10.35
C GLN D 338 -19.87 6.42 9.90
N PHE D 339 -18.97 6.39 10.87
CA PHE D 339 -17.52 6.28 10.61
C PHE D 339 -17.11 4.94 10.01
N LEU D 340 -17.96 3.93 10.16
CA LEU D 340 -17.75 2.62 9.56
C LEU D 340 -18.19 2.63 8.11
N ILE D 341 -19.42 3.09 7.85
CA ILE D 341 -19.92 3.25 6.48
C ILE D 341 -18.94 4.08 5.65
N GLU D 342 -18.26 5.06 6.26
CA GLU D 342 -17.33 5.92 5.51
C GLU D 342 -16.08 5.19 5.04
N SER D 343 -15.55 4.31 5.86
CA SER D 343 -14.37 3.50 5.50
C SER D 343 -14.74 2.35 4.58
N MET D 344 -15.97 1.86 4.71
CA MET D 344 -16.46 0.85 3.79
C MET D 344 -16.67 1.46 2.41
N ILE D 345 -17.40 2.57 2.31
CA ILE D 345 -17.61 3.26 1.02
C ILE D 345 -16.26 3.57 0.36
N LEU D 346 -15.30 4.00 1.16
CA LEU D 346 -14.00 4.42 0.67
C LEU D 346 -13.21 3.27 0.06
N THR D 347 -13.20 2.11 0.72
CA THR D 347 -12.56 0.91 0.15
C THR D 347 -13.42 0.27 -0.94
N LEU D 348 -14.72 0.15 -0.68
CA LEU D 348 -15.66 -0.43 -1.65
C LEU D 348 -15.59 0.29 -2.99
N LEU D 349 -15.57 1.62 -2.97
CA LEU D 349 -15.36 2.40 -4.20
C LEU D 349 -14.05 2.04 -4.87
N GLY D 350 -12.98 2.02 -4.07
CA GLY D 350 -11.65 1.66 -4.55
C GLY D 350 -11.62 0.26 -5.14
N GLY D 351 -12.34 -0.66 -4.49
CA GLY D 351 -12.50 -2.01 -5.00
C GLY D 351 -13.24 -2.02 -6.31
N LEU D 352 -14.35 -1.28 -6.36
CA LEU D 352 -15.18 -1.21 -7.55
C LEU D 352 -14.44 -0.55 -8.71
N ILE D 353 -13.69 0.52 -8.43
CA ILE D 353 -12.84 1.11 -9.47
C ILE D 353 -11.77 0.10 -9.85
N GLY D 354 -11.04 -0.40 -8.86
CA GLY D 354 -9.94 -1.37 -9.04
C GLY D 354 -10.29 -2.60 -9.87
N LEU D 355 -11.54 -3.04 -9.71
CA LEU D 355 -12.10 -4.13 -10.51
C LEU D 355 -12.18 -3.76 -11.99
N THR D 356 -12.77 -2.61 -12.27
CA THR D 356 -12.86 -2.10 -13.64
C THR D 356 -11.48 -2.00 -14.27
N ILE D 357 -10.56 -1.28 -13.63
CA ILE D 357 -9.17 -1.17 -14.13
C ILE D 357 -8.45 -2.55 -14.26
N ALA D 358 -8.89 -3.55 -13.49
CA ALA D 358 -8.44 -4.94 -13.66
C ALA D 358 -9.25 -5.77 -14.70
N SER D 359 -9.90 -5.10 -15.64
CA SER D 359 -10.58 -5.77 -16.75
C SER D 359 -9.95 -5.34 -18.06
N GLY D 360 -9.73 -4.03 -18.23
CA GLY D 360 -8.83 -3.53 -19.24
C GLY D 360 -7.48 -4.22 -19.17
N LEU D 361 -6.90 -4.25 -17.97
CA LEU D 361 -5.63 -4.95 -17.73
C LEU D 361 -5.72 -6.44 -18.04
N THR D 362 -6.82 -7.09 -17.66
CA THR D 362 -7.02 -8.50 -17.95
C THR D 362 -7.75 -8.73 -19.30
N ALA D 363 -7.28 -8.03 -20.32
CA ALA D 363 -7.77 -8.18 -21.71
C ALA D 363 -6.60 -8.03 -22.67
N LEU D 364 -5.83 -6.95 -22.53
CA LEU D 364 -4.50 -6.86 -23.14
C LEU D 364 -3.51 -7.89 -22.55
N ALA D 365 -3.80 -8.39 -21.36
CA ALA D 365 -3.17 -9.62 -20.85
C ALA D 365 -3.53 -10.81 -21.76
N GLY D 366 -4.79 -10.88 -22.17
CA GLY D 366 -5.26 -11.80 -23.20
C GLY D 366 -4.43 -11.72 -24.48
N LEU D 367 -4.21 -10.50 -24.96
CA LEU D 367 -3.38 -10.29 -26.16
C LEU D 367 -1.91 -10.64 -25.93
N LEU D 368 -1.35 -10.31 -24.76
CA LEU D 368 0.01 -10.74 -24.39
C LEU D 368 0.16 -12.27 -24.43
N LEU D 369 -0.87 -12.99 -23.95
CA LEU D 369 -0.88 -14.45 -23.97
C LEU D 369 -1.48 -15.08 -25.26
N GLN D 370 -1.51 -14.32 -26.37
CA GLN D 370 -1.72 -14.89 -27.72
C GLN D 370 -0.40 -15.33 -28.37
N GLY D 371 0.72 -15.07 -27.69
CA GLY D 371 2.02 -15.63 -28.07
C GLY D 371 2.30 -16.90 -27.28
N LEU D 372 2.30 -16.78 -25.96
CA LEU D 372 2.75 -17.86 -25.06
C LEU D 372 1.81 -19.07 -25.07
N ILE D 373 0.53 -18.82 -24.77
CA ILE D 373 -0.46 -19.89 -24.57
C ILE D 373 -1.41 -19.94 -25.78
N GLU D 374 -2.05 -18.81 -26.05
CA GLU D 374 -2.87 -18.54 -27.26
C GLU D 374 -4.08 -19.43 -27.49
N GLY D 375 -5.05 -18.89 -28.24
CA GLY D 375 -6.39 -19.46 -28.33
C GLY D 375 -7.18 -19.41 -27.03
N ILE D 376 -6.76 -18.56 -26.08
CA ILE D 376 -7.31 -18.54 -24.72
C ILE D 376 -8.32 -17.39 -24.62
N GLU D 377 -9.42 -17.64 -23.92
CA GLU D 377 -10.34 -16.58 -23.50
C GLU D 377 -9.91 -16.15 -22.11
N VAL D 378 -9.28 -14.98 -22.04
CA VAL D 378 -8.77 -14.43 -20.78
C VAL D 378 -9.71 -13.29 -20.34
N GLY D 379 -10.05 -13.28 -19.06
CA GLY D 379 -10.93 -12.26 -18.50
C GLY D 379 -11.33 -12.50 -17.06
N VAL D 380 -12.17 -11.61 -16.54
CA VAL D 380 -12.55 -11.62 -15.13
C VAL D 380 -13.98 -12.16 -14.96
N SER D 381 -14.08 -13.38 -14.44
CA SER D 381 -15.38 -14.04 -14.25
C SER D 381 -16.21 -13.34 -13.18
N ILE D 382 -17.53 -13.54 -13.25
CA ILE D 382 -18.48 -12.93 -12.32
C ILE D 382 -18.24 -13.31 -10.85
N PRO D 383 -17.90 -14.59 -10.56
CA PRO D 383 -17.45 -14.92 -9.19
C PRO D 383 -16.20 -14.15 -8.73
N VAL D 384 -15.15 -14.13 -9.55
CA VAL D 384 -13.93 -13.36 -9.26
C VAL D 384 -14.23 -11.87 -9.06
N ALA D 385 -15.10 -11.32 -9.90
CA ALA D 385 -15.47 -9.91 -9.85
C ALA D 385 -16.09 -9.52 -8.50
N LEU D 386 -17.09 -10.28 -8.07
CA LEU D 386 -17.78 -10.00 -6.80
C LEU D 386 -17.10 -10.62 -5.57
N PHE D 387 -16.19 -11.57 -5.77
CA PHE D 387 -15.27 -11.96 -4.69
C PHE D 387 -14.48 -10.74 -4.26
N SER D 388 -13.97 -9.99 -5.23
CA SER D 388 -13.20 -8.76 -4.96
C SER D 388 -14.03 -7.70 -4.26
N LEU D 389 -15.30 -7.56 -4.66
CA LEU D 389 -16.21 -6.62 -3.99
C LEU D 389 -16.42 -7.03 -2.56
N ALA D 390 -16.77 -8.30 -2.32
CA ALA D 390 -16.86 -8.84 -0.94
C ALA D 390 -15.59 -8.57 -0.12
N VAL D 391 -14.42 -8.80 -0.72
CA VAL D 391 -13.16 -8.56 -0.02
C VAL D 391 -13.01 -7.07 0.26
N SER D 392 -13.03 -6.25 -0.79
CA SER D 392 -12.81 -4.80 -0.64
C SER D 392 -13.79 -4.17 0.35
N ALA D 393 -15.03 -4.65 0.35
CA ALA D 393 -16.03 -4.28 1.35
C ALA D 393 -15.54 -4.70 2.73
N SER D 394 -15.14 -5.97 2.83
CA SER D 394 -14.62 -6.52 4.08
C SER D 394 -13.33 -5.82 4.57
N VAL D 395 -12.44 -5.43 3.65
CA VAL D 395 -11.23 -4.67 4.00
C VAL D 395 -11.63 -3.39 4.70
N GLY D 396 -12.54 -2.64 4.09
CA GLY D 396 -13.10 -1.43 4.68
C GLY D 396 -13.69 -1.60 6.07
N MET D 397 -14.39 -2.71 6.29
CA MET D 397 -14.99 -3.00 7.60
C MET D 397 -13.94 -3.35 8.65
N ILE D 398 -13.09 -4.35 8.36
CA ILE D 398 -12.13 -4.86 9.33
C ILE D 398 -11.30 -3.69 9.87
N PHE D 399 -10.61 -3.02 8.96
CA PHE D 399 -9.77 -1.88 9.31
C PHE D 399 -10.54 -0.70 9.91
N GLY D 400 -11.74 -0.44 9.38
CA GLY D 400 -12.56 0.70 9.77
C GLY D 400 -13.37 0.66 11.07
N VAL D 401 -13.56 -0.51 11.70
CA VAL D 401 -14.27 -0.58 13.00
C VAL D 401 -13.48 0.02 14.16
N LEU D 402 -12.15 0.00 14.07
CA LEU D 402 -11.32 0.42 15.19
C LEU D 402 -11.37 1.93 15.45
N PRO D 403 -11.27 2.76 14.38
CA PRO D 403 -11.48 4.20 14.54
C PRO D 403 -12.96 4.59 14.73
N ALA D 404 -13.87 3.90 14.04
CA ALA D 404 -15.30 4.12 14.21
C ALA D 404 -15.76 3.90 15.64
N ASN D 405 -15.15 2.93 16.31
CA ASN D 405 -15.32 2.74 17.75
C ASN D 405 -14.80 3.93 18.56
N LYS D 406 -13.55 4.31 18.34
CA LYS D 406 -12.97 5.45 19.05
C LYS D 406 -13.83 6.70 18.87
N ALA D 407 -14.29 6.93 17.64
CA ALA D 407 -15.23 8.01 17.35
C ALA D 407 -16.51 7.90 18.17
N SER D 408 -17.07 6.69 18.26
CA SER D 408 -18.34 6.49 18.95
C SER D 408 -18.28 6.76 20.45
N LYS D 409 -17.19 6.37 21.09
CA LYS D 409 -17.03 6.54 22.54
C LYS D 409 -16.49 7.92 22.98
N LEU D 410 -16.31 8.85 22.04
CA LEU D 410 -15.89 10.23 22.37
C LEU D 410 -16.88 10.96 23.28
N ASP D 411 -16.36 11.60 24.32
CA ASP D 411 -17.19 12.34 25.27
C ASP D 411 -17.55 13.68 24.64
N PRO D 412 -18.85 14.04 24.62
CA PRO D 412 -19.24 15.35 24.07
C PRO D 412 -18.67 16.54 24.82
N ILE D 413 -18.57 16.42 26.13
CA ILE D 413 -18.07 17.52 26.97
C ILE D 413 -16.63 17.90 26.62
N GLU D 414 -15.73 16.90 26.66
CA GLU D 414 -14.33 17.13 26.30
C GLU D 414 -14.13 17.56 24.84
N ALA D 415 -15.00 17.09 23.95
CA ALA D 415 -14.98 17.48 22.55
C ALA D 415 -15.27 18.97 22.32
N LEU D 416 -16.24 19.49 23.07
CA LEU D 416 -16.69 20.89 22.91
C LEU D 416 -15.88 21.91 23.72
MG MG E . -16.91 26.74 36.12
MG MG F . -8.00 45.20 8.46
#